data_5DPD
#
_entry.id   5DPD
#
_cell.length_a   98.033
_cell.length_b   62.935
_cell.length_c   107.632
_cell.angle_alpha   90.000
_cell.angle_beta   100.420
_cell.angle_gamma   90.000
#
_symmetry.space_group_name_H-M   'P 1 21 1'
#
loop_
_entity.id
_entity.type
_entity.pdbx_description
1 polymer 'protein lysine methyltransferase 1'
2 non-polymer S-ADENOSYLMETHIONINE
#
_entity_poly.entity_id   1
_entity_poly.type   'polypeptide(L)'
_entity_poly.pdbx_seq_one_letter_code
;GMSLKSTTSSLTTNNHDKTINSVQSLVNGTGTVADHNPYDEVPYESYPYAITNPYHLSTLATLFGINAPEVENSKILELG
CAAGGNLIPHAVLYPNAHFVGVDLSKVQIDEANKNVRALGLKNIEFHHCSITDIDDSFGKFDYIICHGVISWVPKIVRDK
IFKVCNRNLSTNGIAYISYNTLPGWNMVRTIRDMMLYHSSSFTNIRDRIAQSRLLLEFVKDSLEHSKTPYAEVLKTEAGL
LAKQTDHYLRHDHLEEENAQFYFHEFMNEARKHNLQYLADCNISTMYLGNMPPKVVEQLKAVNDIVRTEQYMDFITNRRF
RTTLLCHNDLKINRNINNDDIKKFNIIFNVIPEKPLKEVDLNNATENLQFFLNGNKESNLSTTSPYMKAILYTFSENLNN
PLSFKQVTSEANTKLNNTKLNEIKNELLNNAMKLVLQGYISITNQKHRSKPVLDKPKTTQMVIYQAKYTPSMWVTNLKHE
PIGVNFFEKFALRYMDGRNDKKAIIEAILGHVEKGELTLSREGQKIENKEEIRKELESLFTPMIEKFCSNALLV
;
_entity_poly.pdbx_strand_id   A,B
#
# COMPACT_ATOMS: atom_id res chain seq x y z
N TYR A 44 13.29 -2.43 25.75
CA TYR A 44 14.58 -2.17 26.38
C TYR A 44 15.14 -3.45 27.03
N GLU A 45 14.94 -4.57 26.34
CA GLU A 45 15.46 -5.88 26.70
C GLU A 45 16.45 -6.30 25.61
N SER A 46 17.60 -6.79 26.01
CA SER A 46 18.62 -7.11 25.02
C SER A 46 18.39 -8.52 24.49
N TYR A 47 18.10 -8.63 23.17
CA TYR A 47 17.81 -9.94 22.59
C TYR A 47 18.93 -10.35 21.64
N PRO A 48 19.22 -11.64 21.51
CA PRO A 48 20.13 -12.08 20.47
C PRO A 48 19.38 -12.13 19.15
N TYR A 49 20.10 -11.94 18.06
CA TYR A 49 19.53 -12.08 16.74
C TYR A 49 20.32 -13.17 16.04
N ALA A 50 19.68 -14.32 15.80
CA ALA A 50 20.40 -15.46 15.24
C ALA A 50 20.88 -15.18 13.84
N ILE A 51 20.20 -14.29 13.12
CA ILE A 51 20.57 -13.98 11.74
C ILE A 51 21.83 -13.15 11.68
N THR A 52 22.29 -12.68 12.84
CA THR A 52 23.48 -11.86 12.98
C THR A 52 24.73 -12.67 13.31
N ASN A 53 24.57 -13.94 13.68
CA ASN A 53 25.65 -14.80 14.12
C ASN A 53 26.79 -14.80 13.10
N PRO A 54 28.02 -14.48 13.52
CA PRO A 54 29.14 -14.45 12.58
C PRO A 54 29.27 -15.72 11.77
N TYR A 55 28.79 -16.81 12.33
CA TYR A 55 28.85 -18.05 11.59
C TYR A 55 27.87 -18.08 10.43
N HIS A 56 26.78 -17.31 10.53
CA HIS A 56 25.86 -17.26 9.41
C HIS A 56 26.43 -16.44 8.28
N LEU A 57 27.21 -15.41 8.63
CA LEU A 57 27.86 -14.61 7.62
C LEU A 57 29.03 -15.36 7.01
N SER A 58 29.79 -16.07 7.84
CA SER A 58 30.85 -16.91 7.31
C SER A 58 30.27 -17.96 6.37
N THR A 59 29.02 -18.37 6.62
CA THR A 59 28.40 -19.37 5.78
C THR A 59 27.94 -18.79 4.45
N LEU A 60 27.25 -17.64 4.46
CA LEU A 60 26.83 -17.09 3.17
C LEU A 60 28.03 -16.65 2.35
N ALA A 61 29.10 -16.22 3.01
CA ALA A 61 30.31 -15.89 2.28
C ALA A 61 30.90 -17.14 1.63
N THR A 62 31.14 -18.18 2.44
CA THR A 62 31.59 -19.46 1.89
C THR A 62 30.72 -19.89 0.72
N LEU A 63 29.42 -19.66 0.81
CA LEU A 63 28.53 -20.06 -0.27
C LEU A 63 28.82 -19.27 -1.54
N PHE A 64 29.27 -18.03 -1.40
CA PHE A 64 29.52 -17.21 -2.58
C PHE A 64 30.96 -17.20 -3.04
N GLY A 65 31.84 -17.96 -2.41
CA GLY A 65 33.21 -18.08 -2.89
C GLY A 65 34.24 -17.34 -2.07
N ILE A 66 33.83 -16.65 -1.02
CA ILE A 66 34.74 -15.92 -0.14
C ILE A 66 35.11 -16.79 1.05
N ASN A 67 36.37 -16.73 1.46
CA ASN A 67 36.82 -17.44 2.65
C ASN A 67 36.88 -16.41 3.76
N ALA A 68 35.91 -16.45 4.65
CA ALA A 68 35.87 -15.52 5.75
C ALA A 68 36.73 -16.02 6.89
N PRO A 69 37.17 -15.13 7.76
CA PRO A 69 38.03 -15.55 8.87
C PRO A 69 37.34 -16.53 9.80
N GLU A 70 38.16 -17.29 10.52
CA GLU A 70 37.64 -18.23 11.49
C GLU A 70 36.87 -17.46 12.54
N VAL A 71 35.72 -17.97 12.93
CA VAL A 71 34.98 -17.26 13.97
C VAL A 71 35.56 -17.56 15.33
N GLU A 72 36.16 -18.73 15.52
CA GLU A 72 36.63 -19.14 16.84
C GLU A 72 37.56 -18.09 17.45
N ASN A 73 38.46 -17.53 16.66
CA ASN A 73 39.27 -16.39 17.11
C ASN A 73 39.23 -15.30 16.05
N SER A 74 38.53 -14.21 16.34
CA SER A 74 38.35 -13.13 15.39
C SER A 74 38.10 -11.85 16.16
N LYS A 75 37.90 -10.79 15.40
CA LYS A 75 37.52 -9.49 15.93
C LYS A 75 36.14 -9.15 15.41
N ILE A 76 35.18 -9.06 16.34
CA ILE A 76 33.80 -8.76 16.04
C ILE A 76 33.48 -7.38 16.61
N LEU A 77 32.84 -6.55 15.82
CA LEU A 77 32.43 -5.22 16.20
C LEU A 77 30.91 -5.15 16.14
N GLU A 78 30.30 -4.38 17.03
CA GLU A 78 28.89 -4.10 16.91
C GLU A 78 28.64 -2.61 17.05
N LEU A 79 28.03 -2.01 16.05
CA LEU A 79 27.67 -0.60 16.11
C LEU A 79 26.25 -0.51 16.67
N GLY A 80 26.10 0.13 17.82
CA GLY A 80 24.80 0.16 18.46
C GLY A 80 24.45 -1.16 19.13
N CYS A 81 25.37 -1.62 19.97
CA CYS A 81 25.32 -2.93 20.62
C CYS A 81 24.50 -2.99 21.90
N ALA A 82 24.91 -2.22 22.91
CA ALA A 82 24.38 -2.35 24.27
C ALA A 82 22.87 -2.40 24.31
N ALA A 83 22.33 -3.30 25.15
CA ALA A 83 23.01 -3.84 26.32
C ALA A 83 23.86 -5.10 26.03
N GLY A 84 24.00 -5.44 24.76
CA GLY A 84 24.92 -6.48 24.35
C GLY A 84 24.44 -7.90 24.47
N GLY A 85 23.12 -8.11 24.52
CA GLY A 85 22.63 -9.48 24.50
C GLY A 85 22.86 -10.19 23.18
N ASN A 86 23.28 -9.45 22.16
CA ASN A 86 23.64 -9.96 20.85
C ASN A 86 25.14 -10.18 20.71
N LEU A 87 25.89 -9.94 21.78
CA LEU A 87 27.35 -9.93 21.72
C LEU A 87 27.92 -10.89 22.76
N ILE A 88 27.58 -10.68 24.02
CA ILE A 88 28.05 -11.50 25.13
C ILE A 88 27.90 -13.00 24.90
N PRO A 89 26.76 -13.52 24.41
CA PRO A 89 26.67 -14.97 24.22
C PRO A 89 27.70 -15.49 23.25
N HIS A 90 28.22 -14.64 22.38
CA HIS A 90 29.30 -15.04 21.48
C HIS A 90 30.62 -15.05 22.22
N ALA A 91 30.81 -14.08 23.11
CA ALA A 91 32.05 -14.02 23.87
C ALA A 91 32.17 -15.16 24.86
N VAL A 92 31.06 -15.76 25.27
CA VAL A 92 31.19 -16.90 26.16
C VAL A 92 31.60 -18.15 25.38
N LEU A 93 31.11 -18.31 24.15
CA LEU A 93 31.42 -19.52 23.39
C LEU A 93 32.77 -19.49 22.69
N TYR A 94 33.33 -18.31 22.42
CA TYR A 94 34.60 -18.18 21.71
C TYR A 94 35.51 -17.36 22.61
N PRO A 95 36.15 -18.01 23.60
CA PRO A 95 37.00 -17.26 24.54
C PRO A 95 38.28 -16.76 23.90
N ASN A 96 38.65 -17.30 22.74
CA ASN A 96 39.86 -16.91 22.04
C ASN A 96 39.61 -15.86 20.98
N ALA A 97 38.40 -15.32 20.91
CA ALA A 97 38.06 -14.25 19.99
C ALA A 97 37.82 -12.98 20.78
N HIS A 98 37.92 -11.84 20.10
CA HIS A 98 37.81 -10.54 20.75
C HIS A 98 36.55 -9.84 20.24
N PHE A 99 35.74 -9.35 21.18
CA PHE A 99 34.48 -8.68 20.89
C PHE A 99 34.50 -7.27 21.44
N VAL A 100 34.12 -6.33 20.60
CA VAL A 100 34.10 -4.92 20.96
C VAL A 100 32.71 -4.43 20.62
N GLY A 101 32.20 -3.50 21.40
CA GLY A 101 30.93 -2.91 21.05
C GLY A 101 30.87 -1.46 21.46
N VAL A 102 30.04 -0.72 20.74
CA VAL A 102 29.97 0.72 20.85
C VAL A 102 28.53 1.11 20.99
N ASP A 103 28.24 1.98 21.95
CA ASP A 103 26.86 2.43 22.05
C ASP A 103 26.82 3.79 22.75
N LEU A 104 25.75 4.53 22.48
CA LEU A 104 25.62 5.89 22.98
C LEU A 104 24.90 5.98 24.31
N SER A 105 24.28 4.90 24.77
CA SER A 105 23.50 4.90 25.99
C SER A 105 24.36 4.38 27.14
N LYS A 106 24.71 5.29 28.06
CA LYS A 106 25.41 4.89 29.27
C LYS A 106 24.53 3.99 30.12
N VAL A 107 23.23 4.21 30.10
CA VAL A 107 22.29 3.37 30.83
C VAL A 107 22.46 1.92 30.40
N GLN A 108 22.65 1.70 29.11
CA GLN A 108 22.83 0.34 28.60
C GLN A 108 24.27 -0.16 28.74
N ILE A 109 25.26 0.68 28.46
CA ILE A 109 26.64 0.24 28.59
C ILE A 109 26.96 -0.14 30.04
N ASP A 110 26.19 0.39 30.99
CA ASP A 110 26.42 0.01 32.39
C ASP A 110 25.90 -1.39 32.64
N GLU A 111 24.74 -1.72 32.05
CA GLU A 111 24.20 -3.06 32.20
C GLU A 111 25.09 -4.06 31.47
N ALA A 112 25.49 -3.74 30.24
CA ALA A 112 26.39 -4.60 29.51
C ALA A 112 27.63 -4.89 30.32
N ASN A 113 28.21 -3.86 30.93
CA ASN A 113 29.46 -4.09 31.64
C ASN A 113 29.20 -4.88 32.93
N LYS A 114 27.99 -4.77 33.49
CA LYS A 114 27.69 -5.54 34.69
C LYS A 114 27.47 -7.02 34.39
N ASN A 115 26.88 -7.33 33.24
CA ASN A 115 26.73 -8.72 32.86
C ASN A 115 28.09 -9.30 32.43
N VAL A 116 28.93 -8.49 31.79
CA VAL A 116 30.27 -8.98 31.48
C VAL A 116 31.04 -9.24 32.76
N ARG A 117 30.70 -8.55 33.82
CA ARG A 117 31.36 -8.77 35.09
C ARG A 117 30.81 -9.94 35.81
N ALA A 118 29.53 -10.21 35.63
CA ALA A 118 28.92 -11.36 36.27
C ALA A 118 29.39 -12.66 35.64
N LEU A 119 29.64 -12.66 34.35
CA LEU A 119 30.17 -13.86 33.70
C LEU A 119 31.67 -13.95 33.78
N GLY A 120 32.36 -12.86 34.11
CA GLY A 120 33.81 -12.89 34.20
C GLY A 120 34.49 -13.13 32.87
N LEU A 121 34.21 -12.29 31.90
CA LEU A 121 34.74 -12.45 30.55
C LEU A 121 35.86 -11.45 30.35
N LYS A 122 36.98 -11.91 29.80
CA LYS A 122 38.08 -11.03 29.48
C LYS A 122 38.17 -10.66 28.01
N ASN A 123 37.35 -11.27 27.15
CA ASN A 123 37.48 -11.15 25.70
C ASN A 123 36.55 -10.12 25.07
N ILE A 124 35.79 -9.38 25.87
CA ILE A 124 34.79 -8.46 25.37
C ILE A 124 34.91 -7.13 26.12
N GLU A 125 34.79 -6.01 25.39
CA GLU A 125 34.78 -4.70 26.00
C GLU A 125 33.76 -3.80 25.31
N PHE A 126 33.02 -3.04 26.13
CA PHE A 126 31.98 -2.13 25.68
C PHE A 126 32.42 -0.70 25.94
N HIS A 127 32.14 0.17 24.96
CA HIS A 127 32.50 1.59 24.99
C HIS A 127 31.26 2.47 24.86
N HIS A 128 31.19 3.50 25.69
CA HIS A 128 30.12 4.48 25.62
C HIS A 128 30.71 5.65 24.86
N CYS A 129 30.33 5.75 23.61
CA CYS A 129 30.82 6.75 22.68
C CYS A 129 29.90 6.67 21.49
N SER A 130 30.26 7.37 20.42
CA SER A 130 29.46 7.40 19.21
C SER A 130 30.22 6.71 18.08
N ILE A 131 29.46 6.26 17.08
CA ILE A 131 30.07 5.68 15.89
C ILE A 131 31.06 6.67 15.29
N THR A 132 30.76 7.97 15.42
CA THR A 132 31.62 9.04 14.92
C THR A 132 32.95 9.13 15.66
N ASP A 133 33.06 8.52 16.83
CA ASP A 133 34.25 8.56 17.68
C ASP A 133 35.26 7.46 17.33
N ILE A 134 35.02 6.72 16.25
CA ILE A 134 35.84 5.57 15.86
C ILE A 134 37.01 6.05 15.00
N ASP A 135 38.22 5.72 15.45
CA ASP A 135 39.46 6.06 14.77
C ASP A 135 39.78 4.99 13.74
N ASP A 136 40.92 5.14 13.08
CA ASP A 136 41.51 4.00 12.39
C ASP A 136 42.30 3.13 13.35
N SER A 137 42.52 3.63 14.59
CA SER A 137 43.26 2.94 15.64
C SER A 137 42.46 1.83 16.30
N PHE A 138 41.13 1.83 16.12
CA PHE A 138 40.29 0.79 16.68
C PHE A 138 40.70 -0.60 16.22
N GLY A 139 41.42 -0.68 15.11
CA GLY A 139 41.86 -1.92 14.54
C GLY A 139 41.05 -2.28 13.31
N LYS A 140 41.25 -3.49 12.84
CA LYS A 140 40.52 -4.00 11.70
C LYS A 140 39.78 -5.26 12.16
N PHE A 141 38.47 -5.23 12.02
CA PHE A 141 37.61 -6.28 12.52
C PHE A 141 37.22 -7.20 11.38
N ASP A 142 37.10 -8.49 11.71
CA ASP A 142 36.72 -9.50 10.73
C ASP A 142 35.21 -9.51 10.52
N TYR A 143 34.41 -9.19 11.53
CA TYR A 143 32.98 -9.06 11.30
C TYR A 143 32.47 -7.79 11.96
N ILE A 144 31.76 -6.97 11.20
CA ILE A 144 31.17 -5.73 11.73
C ILE A 144 29.66 -5.87 11.60
N ILE A 145 28.96 -5.77 12.73
CA ILE A 145 27.52 -6.03 12.83
C ILE A 145 26.82 -4.72 13.19
N CYS A 146 26.03 -4.21 12.26
CA CYS A 146 25.19 -3.04 12.47
C CYS A 146 23.74 -3.42 12.21
N HIS A 147 22.95 -3.52 13.27
CA HIS A 147 21.59 -4.03 13.19
C HIS A 147 20.60 -2.94 13.55
N GLY A 148 19.78 -2.53 12.59
CA GLY A 148 18.65 -1.67 12.93
C GLY A 148 19.00 -0.31 13.46
N VAL A 149 20.08 0.31 12.97
CA VAL A 149 20.50 1.65 13.40
C VAL A 149 20.49 2.63 12.21
N ILE A 150 21.18 2.27 11.13
CA ILE A 150 21.54 3.17 10.05
C ILE A 150 20.33 3.91 9.50
N SER A 151 19.13 3.42 9.74
CA SER A 151 17.97 4.17 9.26
C SER A 151 17.45 5.16 10.28
N TRP A 152 17.89 5.07 11.53
CA TRP A 152 17.49 5.95 12.62
C TRP A 152 18.50 7.04 12.96
N VAL A 153 19.58 7.17 12.19
CA VAL A 153 20.66 8.09 12.56
C VAL A 153 20.74 9.20 11.51
N PRO A 154 21.25 10.38 11.88
CA PRO A 154 21.41 11.46 10.91
C PRO A 154 22.39 11.07 9.82
N LYS A 155 22.27 11.76 8.68
CA LYS A 155 23.03 11.44 7.48
C LYS A 155 24.54 11.39 7.74
N ILE A 156 25.01 12.14 8.74
CA ILE A 156 26.44 12.16 9.04
C ILE A 156 26.87 10.84 9.68
N VAL A 157 26.03 10.30 10.57
CA VAL A 157 26.35 9.02 11.20
C VAL A 157 26.28 7.90 10.18
N ARG A 158 25.34 8.00 9.23
CA ARG A 158 25.28 7.03 8.15
C ARG A 158 26.59 7.05 7.37
N ASP A 159 27.04 8.25 7.01
CA ASP A 159 28.34 8.39 6.34
C ASP A 159 29.42 7.71 7.15
N LYS A 160 29.39 7.87 8.47
CA LYS A 160 30.45 7.29 9.29
C LYS A 160 30.36 5.77 9.33
N ILE A 161 29.15 5.22 9.39
CA ILE A 161 29.01 3.76 9.43
C ILE A 161 29.54 3.14 8.15
N PHE A 162 29.19 3.73 7.00
CA PHE A 162 29.72 3.23 5.74
C PHE A 162 31.23 3.36 5.70
N LYS A 163 31.77 4.38 6.36
CA LYS A 163 33.22 4.56 6.43
C LYS A 163 33.89 3.47 7.27
N VAL A 164 33.45 3.28 8.52
CA VAL A 164 34.05 2.27 9.39
C VAL A 164 33.82 0.88 8.85
N CYS A 165 32.86 0.69 7.94
CA CYS A 165 32.71 -0.65 7.36
C CYS A 165 33.68 -0.89 6.21
N ASN A 166 34.56 0.07 5.98
CA ASN A 166 35.61 0.02 4.98
C ASN A 166 36.98 0.09 5.64
N ARG A 167 37.23 1.15 6.40
CA ARG A 167 38.55 1.35 6.97
C ARG A 167 38.86 0.33 8.05
N ASN A 168 37.87 -0.06 8.84
CA ASN A 168 38.04 -0.97 9.96
C ASN A 168 37.70 -2.44 9.67
N LEU A 169 37.43 -2.78 8.41
CA LEU A 169 37.09 -4.14 8.03
C LEU A 169 38.31 -4.78 7.40
N SER A 170 38.53 -6.05 7.72
CA SER A 170 39.71 -6.77 7.27
C SER A 170 39.62 -7.03 5.77
N THR A 171 40.65 -7.66 5.21
CA THR A 171 40.69 -7.86 3.77
C THR A 171 39.61 -8.84 3.32
N ASN A 172 39.42 -9.92 4.09
CA ASN A 172 38.39 -10.91 3.86
C ASN A 172 37.17 -10.74 4.75
N GLY A 173 37.12 -9.69 5.55
CA GLY A 173 36.05 -9.51 6.50
C GLY A 173 34.70 -9.24 5.84
N ILE A 174 33.68 -9.15 6.71
CA ILE A 174 32.29 -9.00 6.28
C ILE A 174 31.56 -8.02 7.21
N ALA A 175 30.75 -7.15 6.60
CA ALA A 175 29.92 -6.19 7.31
C ALA A 175 28.45 -6.53 7.10
N TYR A 176 27.64 -6.21 8.09
CA TYR A 176 26.23 -6.53 8.11
C TYR A 176 25.47 -5.26 8.48
N ILE A 177 24.53 -4.84 7.66
CA ILE A 177 23.77 -3.63 7.94
C ILE A 177 22.31 -3.92 7.66
N SER A 178 21.45 -3.72 8.65
CA SER A 178 20.01 -3.89 8.45
C SER A 178 19.35 -2.52 8.49
N TYR A 179 18.33 -2.34 7.65
CA TYR A 179 17.65 -1.07 7.50
C TYR A 179 16.23 -1.31 6.99
N ASN A 180 15.37 -0.31 7.18
CA ASN A 180 14.02 -0.35 6.64
C ASN A 180 14.07 0.23 5.23
N THR A 181 13.35 -0.39 4.30
CA THR A 181 13.40 0.01 2.90
C THR A 181 12.03 0.46 2.40
N LEU A 182 12.04 0.98 1.17
CA LEU A 182 10.84 1.36 0.46
C LEU A 182 10.68 0.37 -0.65
N PRO A 183 9.44 0.12 -1.11
CA PRO A 183 8.16 0.72 -0.71
C PRO A 183 7.61 0.27 0.63
N GLY A 184 8.08 -0.86 1.12
CA GLY A 184 7.42 -1.53 2.22
C GLY A 184 7.13 -0.65 3.41
N TRP A 185 8.01 0.32 3.68
CA TRP A 185 7.86 1.11 4.90
C TRP A 185 6.75 2.16 4.83
N ASN A 186 6.20 2.41 3.64
CA ASN A 186 5.21 3.48 3.51
C ASN A 186 4.07 3.32 4.51
N MET A 187 3.61 2.08 4.70
CA MET A 187 2.50 1.84 5.61
C MET A 187 2.87 2.23 7.02
N VAL A 188 4.05 1.80 7.45
CA VAL A 188 4.51 2.12 8.79
C VAL A 188 4.62 3.62 8.94
N ARG A 189 5.06 4.32 7.89
CA ARG A 189 5.09 5.77 8.00
C ARG A 189 3.68 6.31 8.18
N THR A 190 2.75 5.86 7.32
CA THR A 190 1.38 6.35 7.39
C THR A 190 0.81 6.22 8.78
N ILE A 191 0.84 4.99 9.32
CA ILE A 191 0.28 4.75 10.63
C ILE A 191 0.93 5.66 11.66
N ARG A 192 2.26 5.81 11.59
CA ARG A 192 2.92 6.63 12.60
C ARG A 192 2.50 8.09 12.47
N ASP A 193 2.35 8.57 11.24
CA ASP A 193 1.82 9.91 11.09
C ASP A 193 0.41 9.96 11.64
N MET A 194 -0.37 8.93 11.34
CA MET A 194 -1.76 8.89 11.78
C MET A 194 -1.84 8.96 13.30
N MET A 195 -0.82 8.47 14.01
CA MET A 195 -0.90 8.56 15.46
C MET A 195 -0.47 9.92 15.96
N LEU A 196 0.57 10.50 15.36
CA LEU A 196 1.06 11.77 15.86
C LEU A 196 0.01 12.85 15.66
N TYR A 197 -0.53 12.95 14.45
CA TYR A 197 -1.61 13.89 14.19
C TYR A 197 -2.74 13.70 15.19
N HIS A 198 -3.04 12.45 15.54
CA HIS A 198 -4.07 12.23 16.55
C HIS A 198 -3.61 12.69 17.92
N SER A 199 -2.45 12.22 18.35
CA SER A 199 -2.06 12.30 19.74
C SER A 199 -1.56 13.68 20.15
N SER A 200 -1.55 14.66 19.23
CA SER A 200 -1.08 16.03 19.53
C SER A 200 -2.04 16.82 20.41
N SER A 201 -3.30 16.38 20.53
CA SER A 201 -4.26 17.20 21.27
C SER A 201 -4.02 17.17 22.77
N PHE A 202 -3.07 16.36 23.22
CA PHE A 202 -2.70 16.24 24.61
C PHE A 202 -1.19 16.18 24.67
N THR A 203 -0.58 16.85 25.65
CA THR A 203 0.87 16.67 25.80
C THR A 203 1.10 16.07 27.18
N ASN A 204 1.27 14.75 27.21
CA ASN A 204 1.68 14.01 28.39
C ASN A 204 2.42 12.81 27.84
N ILE A 205 3.59 12.48 28.41
CA ILE A 205 4.21 11.28 27.89
C ILE A 205 3.45 10.06 28.39
N ARG A 206 2.75 10.15 29.53
CA ARG A 206 1.95 9.04 30.05
C ARG A 206 0.52 8.97 29.53
N ASP A 207 -0.02 10.05 28.98
CA ASP A 207 -1.38 10.10 28.45
C ASP A 207 -1.39 9.74 26.97
N ARG A 208 -0.55 10.45 26.21
CA ARG A 208 -0.43 10.34 24.76
C ARG A 208 -0.06 8.93 24.31
N ILE A 209 0.32 8.04 25.22
CA ILE A 209 0.69 6.67 24.85
C ILE A 209 -0.55 5.78 24.83
N ALA A 210 -1.19 5.57 25.99
CA ALA A 210 -2.44 4.82 26.03
C ALA A 210 -3.51 5.46 25.14
N GLN A 211 -3.34 6.75 24.83
CA GLN A 211 -4.12 7.44 23.82
C GLN A 211 -3.99 6.77 22.45
N SER A 212 -2.77 6.78 21.89
CA SER A 212 -2.53 6.08 20.63
C SER A 212 -2.96 4.62 20.73
N ARG A 213 -2.87 4.03 21.92
CA ARG A 213 -3.36 2.67 22.12
C ARG A 213 -4.86 2.57 21.88
N LEU A 214 -5.61 3.62 22.25
CA LEU A 214 -7.05 3.64 21.99
C LEU A 214 -7.40 4.10 20.58
N LEU A 215 -6.50 4.84 19.92
CA LEU A 215 -6.70 5.19 18.52
C LEU A 215 -6.50 3.98 17.62
N LEU A 216 -5.56 3.10 17.97
CA LEU A 216 -5.38 1.88 17.21
C LEU A 216 -6.56 0.97 17.41
N GLU A 217 -7.26 1.13 18.53
CA GLU A 217 -8.51 0.39 18.74
C GLU A 217 -9.64 1.00 17.92
N PHE A 218 -9.77 2.34 17.95
CA PHE A 218 -10.71 3.02 17.06
C PHE A 218 -10.47 2.65 15.60
N VAL A 219 -9.22 2.30 15.25
CA VAL A 219 -8.92 1.81 13.91
C VAL A 219 -9.33 0.36 13.74
N LYS A 220 -9.13 -0.46 14.78
CA LYS A 220 -9.51 -1.87 14.68
C LYS A 220 -11.02 -2.06 14.70
N ASP A 221 -11.77 -1.03 15.12
CA ASP A 221 -13.22 -1.08 15.16
C ASP A 221 -13.84 -0.61 13.84
N SER A 222 -13.52 0.61 13.41
CA SER A 222 -14.14 1.17 12.21
C SER A 222 -13.84 0.36 10.97
N LEU A 223 -12.83 -0.50 11.00
CA LEU A 223 -12.51 -1.42 9.93
C LEU A 223 -13.04 -2.84 10.17
N GLU A 224 -13.85 -3.04 11.21
CA GLU A 224 -14.33 -4.38 11.57
C GLU A 224 -14.90 -5.11 10.37
N HIS A 225 -15.89 -4.52 9.70
CA HIS A 225 -16.40 -5.07 8.47
C HIS A 225 -15.81 -4.25 7.33
N SER A 226 -14.82 -4.81 6.64
CA SER A 226 -14.30 -4.25 5.41
C SER A 226 -13.74 -5.37 4.55
N LYS A 227 -14.06 -5.33 3.26
CA LYS A 227 -13.47 -6.22 2.27
C LYS A 227 -12.14 -5.73 1.71
N THR A 228 -12.07 -4.42 1.46
CA THR A 228 -11.03 -3.77 0.67
C THR A 228 -9.62 -4.17 1.11
N PRO A 229 -8.72 -4.53 0.17
CA PRO A 229 -7.39 -5.05 0.55
C PRO A 229 -6.53 -4.07 1.32
N TYR A 230 -6.78 -2.76 1.20
CA TYR A 230 -6.00 -1.83 1.99
C TYR A 230 -6.40 -1.95 3.45
N ALA A 231 -7.69 -2.06 3.74
CA ALA A 231 -8.13 -2.29 5.11
C ALA A 231 -7.60 -3.61 5.64
N GLU A 232 -7.13 -4.51 4.77
CA GLU A 232 -6.40 -5.68 5.24
C GLU A 232 -5.03 -5.26 5.73
N VAL A 233 -4.21 -4.70 4.83
CA VAL A 233 -2.87 -4.26 5.25
C VAL A 233 -2.94 -3.42 6.52
N LEU A 234 -3.83 -2.44 6.55
CA LEU A 234 -3.97 -1.57 7.72
C LEU A 234 -4.46 -2.34 8.94
N LYS A 235 -5.39 -3.28 8.75
CA LYS A 235 -5.87 -4.11 9.86
C LYS A 235 -4.70 -4.80 10.54
N THR A 236 -3.85 -5.45 9.75
CA THR A 236 -2.74 -6.21 10.33
C THR A 236 -1.70 -5.28 10.94
N GLU A 237 -1.39 -4.17 10.24
CA GLU A 237 -0.33 -3.28 10.70
C GLU A 237 -0.70 -2.55 11.98
N ALA A 238 -2.00 -2.32 12.23
CA ALA A 238 -2.42 -1.80 13.53
C ALA A 238 -2.56 -2.91 14.56
N GLY A 239 -2.73 -4.15 14.13
CA GLY A 239 -2.83 -5.25 15.07
C GLY A 239 -1.49 -5.65 15.66
N LEU A 240 -0.44 -5.70 14.84
CA LEU A 240 0.90 -6.00 15.33
C LEU A 240 1.51 -4.80 16.03
N LEU A 241 1.01 -3.60 15.75
CA LEU A 241 1.44 -2.42 16.49
C LEU A 241 0.77 -2.30 17.85
N ALA A 242 -0.50 -2.67 17.96
CA ALA A 242 -1.13 -2.65 19.28
C ALA A 242 -0.56 -3.75 20.16
N LYS A 243 -0.15 -4.88 19.57
CA LYS A 243 0.49 -5.93 20.35
C LYS A 243 1.87 -5.48 20.85
N GLN A 244 2.51 -4.52 20.18
CA GLN A 244 3.77 -3.98 20.66
C GLN A 244 3.48 -3.15 21.92
N THR A 245 4.50 -2.91 22.75
CA THR A 245 4.17 -2.35 24.06
C THR A 245 5.04 -1.18 24.47
N ASP A 246 4.42 0.01 24.55
CA ASP A 246 4.78 1.15 25.38
C ASP A 246 6.14 1.76 25.07
N HIS A 247 6.96 1.05 24.31
CA HIS A 247 8.28 1.55 23.96
C HIS A 247 8.27 2.11 22.54
N TYR A 248 7.94 1.28 21.54
CA TYR A 248 7.84 1.75 20.17
C TYR A 248 6.88 2.93 20.06
N LEU A 249 5.82 2.93 20.87
CA LEU A 249 4.76 3.93 20.92
C LEU A 249 5.15 5.15 21.74
N ARG A 250 6.40 5.22 22.22
CA ARG A 250 6.84 6.19 23.24
C ARG A 250 6.48 7.63 22.90
N HIS A 251 6.18 7.91 21.63
CA HIS A 251 5.79 9.20 21.05
C HIS A 251 7.02 10.09 20.85
N ASP A 252 8.17 9.73 21.42
CA ASP A 252 9.44 10.30 20.99
C ASP A 252 9.95 9.57 19.75
N HIS A 253 9.84 8.24 19.76
CA HIS A 253 10.28 7.36 18.68
C HIS A 253 9.30 7.31 17.53
N LEU A 254 8.07 7.78 17.74
CA LEU A 254 7.18 8.11 16.63
C LEU A 254 7.56 9.44 15.99
N GLU A 255 8.23 10.31 16.75
CA GLU A 255 8.70 11.59 16.26
C GLU A 255 9.95 11.43 15.40
N GLU A 256 10.68 10.34 15.60
CA GLU A 256 11.91 10.07 14.85
C GLU A 256 11.63 9.91 13.37
N GLU A 257 12.54 10.41 12.55
CA GLU A 257 12.43 10.29 11.11
C GLU A 257 13.29 9.14 10.62
N ASN A 258 12.80 8.42 9.62
CA ASN A 258 13.52 7.27 9.08
C ASN A 258 14.27 7.68 7.82
N ALA A 259 15.45 7.08 7.63
CA ALA A 259 16.22 7.34 6.41
C ALA A 259 15.49 6.92 5.15
N GLN A 260 14.49 6.02 5.25
CA GLN A 260 13.67 5.56 4.14
C GLN A 260 14.48 5.24 2.89
N PHE A 261 15.29 4.20 2.95
CA PHE A 261 16.15 3.83 1.86
C PHE A 261 15.41 3.05 0.78
N TYR A 262 15.93 3.13 -0.43
CA TYR A 262 15.66 2.21 -1.51
C TYR A 262 16.92 1.41 -1.68
N PHE A 263 16.80 0.13 -2.04
CA PHE A 263 17.98 -0.71 -2.11
C PHE A 263 19.06 -0.11 -3.01
N HIS A 264 18.66 0.57 -4.09
CA HIS A 264 19.69 1.09 -4.98
C HIS A 264 20.32 2.37 -4.44
N GLU A 265 19.60 3.09 -3.58
CA GLU A 265 20.19 4.26 -2.93
C GLU A 265 21.13 3.84 -1.83
N PHE A 266 20.85 2.71 -1.18
CA PHE A 266 21.76 2.17 -0.19
C PHE A 266 23.00 1.61 -0.86
N MET A 267 22.81 0.80 -1.90
CA MET A 267 23.97 0.34 -2.63
C MET A 267 24.71 1.52 -3.24
N ASN A 268 24.06 2.66 -3.40
CA ASN A 268 24.79 3.78 -3.95
C ASN A 268 25.77 4.37 -2.95
N GLU A 269 25.34 4.52 -1.69
CA GLU A 269 26.26 4.96 -0.64
C GLU A 269 27.26 3.88 -0.27
N ALA A 270 27.00 2.62 -0.61
CA ALA A 270 27.98 1.60 -0.27
C ALA A 270 29.14 1.58 -1.26
N ARG A 271 28.83 1.74 -2.55
CA ARG A 271 29.86 1.76 -3.58
C ARG A 271 30.68 3.05 -3.59
N LYS A 272 30.19 4.12 -2.95
CA LYS A 272 31.05 5.30 -2.79
C LYS A 272 32.21 4.99 -1.87
N HIS A 273 32.01 4.09 -0.94
CA HIS A 273 33.01 3.67 0.03
C HIS A 273 33.74 2.40 -0.38
N ASN A 274 33.55 1.94 -1.63
CA ASN A 274 34.26 0.77 -2.16
C ASN A 274 33.86 -0.51 -1.44
N LEU A 275 32.55 -0.67 -1.23
CA LEU A 275 31.93 -1.87 -0.73
C LEU A 275 31.09 -2.45 -1.84
N GLN A 276 30.83 -3.75 -1.75
CA GLN A 276 30.05 -4.43 -2.76
C GLN A 276 29.02 -5.32 -2.08
N TYR A 277 27.89 -5.47 -2.75
CA TYR A 277 26.81 -6.29 -2.26
C TYR A 277 27.24 -7.75 -2.28
N LEU A 278 27.18 -8.41 -1.12
CA LEU A 278 27.48 -9.83 -1.04
C LEU A 278 26.19 -10.63 -1.20
N ALA A 279 25.24 -10.42 -0.28
CA ALA A 279 23.99 -11.16 -0.22
C ALA A 279 23.10 -10.62 0.90
N ASP A 280 21.92 -11.19 1.04
CA ASP A 280 21.02 -10.90 2.14
C ASP A 280 21.08 -12.06 3.12
N CYS A 281 20.77 -11.78 4.38
CA CYS A 281 20.87 -12.84 5.36
C CYS A 281 19.67 -13.77 5.34
N ASN A 282 18.64 -13.45 4.56
CA ASN A 282 17.59 -14.41 4.26
C ASN A 282 17.80 -14.76 2.81
N ILE A 283 18.32 -15.96 2.56
CA ILE A 283 18.67 -16.35 1.21
C ILE A 283 17.41 -16.46 0.35
N SER A 284 16.28 -16.78 0.98
CA SER A 284 15.04 -16.96 0.24
C SER A 284 14.58 -15.68 -0.42
N THR A 285 15.02 -14.52 0.08
CA THR A 285 14.62 -13.28 -0.55
C THR A 285 15.33 -13.06 -1.87
N MET A 286 16.46 -13.71 -2.10
CA MET A 286 17.14 -13.58 -3.39
C MET A 286 16.69 -14.63 -4.39
N TYR A 287 15.72 -15.47 -4.02
CA TYR A 287 15.27 -16.55 -4.88
C TYR A 287 14.38 -16.04 -6.00
N LEU A 288 14.67 -16.45 -7.24
CA LEU A 288 13.82 -16.09 -8.38
C LEU A 288 12.95 -17.28 -8.77
N GLY A 289 11.66 -17.15 -8.50
CA GLY A 289 10.60 -17.89 -9.10
C GLY A 289 10.14 -19.27 -8.70
N ASN A 290 8.82 -19.54 -8.75
CA ASN A 290 7.78 -18.58 -8.33
C ASN A 290 7.46 -17.39 -9.26
N MET A 291 8.16 -17.34 -10.39
CA MET A 291 8.16 -16.26 -11.35
C MET A 291 8.09 -16.88 -12.74
N PRO A 292 7.35 -16.25 -13.65
CA PRO A 292 7.26 -16.77 -15.02
C PRO A 292 8.64 -16.97 -15.60
N PRO A 293 8.86 -18.03 -16.40
CA PRO A 293 10.22 -18.32 -16.86
C PRO A 293 10.73 -17.30 -17.85
N LYS A 294 9.82 -16.54 -18.48
CA LYS A 294 10.21 -15.47 -19.38
C LYS A 294 10.70 -14.26 -18.60
N VAL A 295 10.13 -14.06 -17.40
CA VAL A 295 10.56 -12.98 -16.52
C VAL A 295 11.88 -13.34 -15.85
N VAL A 296 12.04 -14.60 -15.42
CA VAL A 296 13.34 -15.05 -14.92
C VAL A 296 14.40 -14.89 -15.99
N GLU A 297 14.11 -15.29 -17.22
CA GLU A 297 15.08 -15.12 -18.30
C GLU A 297 15.43 -13.65 -18.52
N GLN A 298 14.41 -12.77 -18.50
CA GLN A 298 14.65 -11.35 -18.67
C GLN A 298 15.59 -10.81 -17.60
N LEU A 299 15.25 -11.00 -16.32
CA LEU A 299 16.14 -10.55 -15.25
C LEU A 299 17.55 -11.13 -15.38
N LYS A 300 17.63 -12.42 -15.73
CA LYS A 300 18.93 -13.05 -15.94
C LYS A 300 19.70 -12.44 -17.10
N ALA A 301 19.02 -11.70 -17.99
CA ALA A 301 19.73 -11.05 -19.10
C ALA A 301 20.59 -9.89 -18.61
N VAL A 302 19.97 -8.83 -18.08
CA VAL A 302 20.76 -7.76 -17.50
C VAL A 302 21.60 -8.32 -16.37
N ASN A 303 22.91 -8.08 -16.40
CA ASN A 303 23.70 -8.60 -15.30
C ASN A 303 23.96 -7.39 -14.41
N ASP A 304 23.11 -7.23 -13.40
CA ASP A 304 23.37 -6.36 -12.25
C ASP A 304 22.58 -6.96 -11.09
N ILE A 305 23.23 -7.21 -9.96
CA ILE A 305 22.46 -7.77 -8.86
C ILE A 305 21.66 -6.69 -8.14
N VAL A 306 22.09 -5.43 -8.23
CA VAL A 306 21.48 -4.36 -7.48
C VAL A 306 20.11 -4.02 -8.04
N ARG A 307 20.00 -3.88 -9.36
CA ARG A 307 18.69 -3.59 -9.92
C ARG A 307 17.84 -4.83 -10.11
N THR A 308 18.40 -6.00 -9.84
CA THR A 308 17.54 -7.17 -9.76
C THR A 308 16.85 -7.19 -8.40
N GLU A 309 17.63 -6.97 -7.34
CA GLU A 309 17.02 -6.89 -6.04
C GLU A 309 16.13 -5.65 -5.91
N GLN A 310 16.41 -4.60 -6.67
CA GLN A 310 15.56 -3.41 -6.60
C GLN A 310 14.19 -3.66 -7.23
N TYR A 311 14.14 -4.34 -8.37
N TYR A 311 14.15 -4.34 -8.38
CA TYR A 311 12.85 -4.62 -8.99
CA TYR A 311 12.88 -4.65 -9.03
C TYR A 311 12.06 -5.63 -8.19
C TYR A 311 12.08 -5.62 -8.19
N MET A 312 12.74 -6.64 -7.62
CA MET A 312 12.05 -7.53 -6.72
C MET A 312 11.54 -6.79 -5.49
N ASP A 313 12.28 -5.77 -5.03
CA ASP A 313 11.78 -4.95 -3.93
C ASP A 313 10.55 -4.19 -4.36
N PHE A 314 10.48 -3.77 -5.61
CA PHE A 314 9.33 -3.01 -6.09
C PHE A 314 8.09 -3.89 -6.18
N ILE A 315 8.23 -5.10 -6.75
CA ILE A 315 7.04 -5.93 -6.94
C ILE A 315 6.63 -6.73 -5.70
N THR A 316 7.53 -6.98 -4.75
CA THR A 316 7.19 -7.70 -3.53
C THR A 316 6.96 -6.79 -2.33
N ASN A 317 7.09 -5.46 -2.50
CA ASN A 317 6.87 -4.52 -1.41
C ASN A 317 7.78 -4.80 -0.20
N ARG A 318 9.10 -4.87 -0.46
CA ARG A 318 10.08 -5.16 0.59
C ARG A 318 10.09 -4.06 1.65
N ARG A 319 9.89 -4.43 2.91
CA ARG A 319 9.94 -3.46 3.98
C ARG A 319 11.22 -3.48 4.82
N PHE A 320 12.10 -4.46 4.60
CA PHE A 320 13.22 -4.62 5.53
C PHE A 320 14.34 -5.31 4.79
N ARG A 321 15.57 -4.96 5.12
CA ARG A 321 16.70 -5.65 4.54
C ARG A 321 17.81 -5.85 5.55
N THR A 322 18.36 -7.06 5.57
CA THR A 322 19.57 -7.36 6.31
C THR A 322 20.62 -7.69 5.26
N THR A 323 21.54 -6.76 5.05
CA THR A 323 22.45 -6.82 3.91
C THR A 323 23.84 -7.20 4.38
N LEU A 324 24.51 -8.01 3.59
CA LEU A 324 25.90 -8.39 3.81
C LEU A 324 26.73 -7.65 2.77
N LEU A 325 27.72 -6.91 3.25
CA LEU A 325 28.64 -6.14 2.42
C LEU A 325 30.04 -6.69 2.59
N CYS A 326 30.81 -6.65 1.51
CA CYS A 326 32.21 -7.06 1.61
C CYS A 326 33.06 -6.16 0.74
N HIS A 327 34.38 -6.26 0.92
CA HIS A 327 35.28 -5.36 0.22
C HIS A 327 35.17 -5.51 -1.29
N ASN A 328 35.37 -4.39 -1.98
CA ASN A 328 35.15 -4.32 -3.41
C ASN A 328 36.15 -5.17 -4.18
N ASP A 329 37.28 -5.51 -3.57
CA ASP A 329 38.39 -6.18 -4.22
C ASP A 329 38.23 -7.69 -4.28
N LEU A 330 37.12 -8.22 -3.80
CA LEU A 330 36.87 -9.65 -3.75
C LEU A 330 36.12 -10.13 -4.98
N LYS A 331 36.45 -11.35 -5.41
CA LYS A 331 35.77 -11.99 -6.54
C LYS A 331 34.74 -12.96 -5.97
N ILE A 332 33.46 -12.64 -6.15
CA ILE A 332 32.37 -13.49 -5.65
C ILE A 332 31.79 -14.31 -6.80
N ASN A 333 31.39 -15.54 -6.50
CA ASN A 333 30.88 -16.49 -7.49
C ASN A 333 29.40 -16.73 -7.25
N ARG A 334 28.57 -16.27 -8.19
CA ARG A 334 27.13 -16.47 -8.07
C ARG A 334 26.62 -17.70 -8.80
N ASN A 335 27.50 -18.49 -9.40
CA ASN A 335 27.08 -19.75 -10.01
C ASN A 335 27.07 -20.78 -8.89
N ILE A 336 25.87 -21.28 -8.57
CA ILE A 336 25.66 -22.21 -7.47
C ILE A 336 25.14 -23.51 -8.08
N ASN A 337 25.75 -24.62 -7.71
CA ASN A 337 25.37 -25.90 -8.30
C ASN A 337 24.91 -26.85 -7.21
N ASN A 338 24.09 -27.82 -7.61
CA ASN A 338 23.51 -28.77 -6.66
C ASN A 338 24.56 -29.39 -5.76
N ASP A 339 25.73 -29.71 -6.31
CA ASP A 339 26.81 -30.37 -5.60
C ASP A 339 27.57 -29.46 -4.64
N ASP A 340 27.27 -28.15 -4.58
CA ASP A 340 27.92 -27.27 -3.60
C ASP A 340 27.39 -27.47 -2.20
N ILE A 341 26.29 -28.21 -2.04
CA ILE A 341 25.76 -28.50 -0.72
C ILE A 341 26.72 -29.38 0.05
N LYS A 342 27.75 -29.90 -0.59
CA LYS A 342 28.72 -30.69 0.11
C LYS A 342 29.68 -29.85 0.93
N LYS A 343 29.81 -28.53 0.63
CA LYS A 343 30.76 -27.75 1.41
C LYS A 343 30.23 -27.34 2.77
N PHE A 344 28.95 -27.52 3.05
CA PHE A 344 28.39 -27.06 4.31
C PHE A 344 27.84 -28.22 5.11
N ASN A 345 27.38 -27.89 6.31
CA ASN A 345 26.67 -28.82 7.17
C ASN A 345 25.21 -28.41 7.18
N ILE A 346 24.33 -29.37 7.38
CA ILE A 346 22.93 -29.19 7.05
C ILE A 346 22.05 -29.31 8.29
N ILE A 347 21.03 -28.46 8.35
CA ILE A 347 20.02 -28.49 9.40
C ILE A 347 18.68 -28.34 8.71
N PHE A 348 17.83 -29.36 8.85
CA PHE A 348 16.48 -29.33 8.33
C PHE A 348 15.63 -29.75 9.51
N ASN A 349 14.86 -28.85 10.10
CA ASN A 349 14.10 -29.24 11.27
C ASN A 349 12.74 -29.67 10.78
N VAL A 350 12.51 -30.97 10.77
CA VAL A 350 11.25 -31.55 10.35
C VAL A 350 10.76 -32.46 11.44
N ILE A 351 9.48 -32.34 11.75
CA ILE A 351 8.82 -33.20 12.72
C ILE A 351 7.93 -34.13 11.92
N PRO A 352 8.22 -35.43 11.90
CA PRO A 352 7.37 -36.36 11.16
C PRO A 352 5.97 -36.40 11.74
N GLU A 353 5.02 -36.84 10.91
CA GLU A 353 3.67 -37.02 11.38
C GLU A 353 3.44 -38.42 11.93
N LYS A 354 4.34 -39.35 11.65
CA LYS A 354 4.25 -40.71 12.16
C LYS A 354 5.62 -41.15 12.64
N PRO A 355 5.69 -41.85 13.77
CA PRO A 355 6.97 -42.38 14.25
C PRO A 355 7.60 -43.31 13.24
N LEU A 356 8.93 -43.48 13.33
CA LEU A 356 9.64 -44.33 12.38
C LEU A 356 9.12 -45.75 12.43
N LYS A 357 9.09 -46.34 13.63
CA LYS A 357 8.69 -47.73 13.85
C LYS A 357 7.27 -48.00 13.37
N GLU A 358 6.49 -46.96 13.07
CA GLU A 358 5.10 -47.06 12.64
C GLU A 358 4.93 -47.06 11.12
N VAL A 359 6.02 -47.11 10.35
CA VAL A 359 5.96 -46.99 8.89
C VAL A 359 7.08 -47.80 8.28
N ASP A 360 6.92 -48.13 7.00
CA ASP A 360 7.98 -48.72 6.18
C ASP A 360 8.40 -47.75 5.09
N LEU A 361 9.69 -47.40 5.07
CA LEU A 361 10.22 -46.45 4.12
C LEU A 361 10.27 -47.02 2.70
N ASN A 362 10.44 -48.34 2.57
CA ASN A 362 10.58 -48.96 1.25
C ASN A 362 9.29 -48.96 0.46
N ASN A 363 8.17 -48.61 1.07
CA ASN A 363 6.89 -48.64 0.39
C ASN A 363 6.67 -47.31 -0.32
N ALA A 364 6.70 -47.34 -1.65
CA ALA A 364 6.61 -46.13 -2.46
C ALA A 364 5.17 -45.74 -2.71
N THR A 365 4.23 -46.56 -2.25
CA THR A 365 2.83 -46.20 -2.30
C THR A 365 2.44 -45.31 -1.13
N GLU A 366 3.22 -45.32 -0.04
CA GLU A 366 2.91 -44.52 1.13
C GLU A 366 3.39 -43.08 0.92
N ASN A 367 2.47 -42.12 1.12
CA ASN A 367 2.80 -40.70 1.03
C ASN A 367 2.96 -40.19 2.46
N LEU A 368 4.20 -39.96 2.87
CA LEU A 368 4.46 -39.52 4.22
C LEU A 368 4.58 -38.01 4.27
N GLN A 369 4.11 -37.44 5.37
CA GLN A 369 4.04 -36.00 5.54
C GLN A 369 4.90 -35.56 6.71
N PHE A 370 5.66 -34.49 6.50
CA PHE A 370 6.53 -33.92 7.53
C PHE A 370 6.22 -32.45 7.71
N PHE A 371 6.29 -31.98 8.96
CA PHE A 371 5.96 -30.60 9.31
C PHE A 371 7.25 -29.85 9.61
N LEU A 372 7.43 -28.68 9.01
CA LEU A 372 8.66 -27.92 9.25
C LEU A 372 8.49 -27.07 10.51
N ASN A 373 9.28 -27.38 11.54
CA ASN A 373 9.35 -26.64 12.82
C ASN A 373 7.98 -26.21 13.33
N GLY A 374 7.19 -27.17 13.81
CA GLY A 374 5.77 -26.95 13.99
C GLY A 374 5.16 -28.34 13.88
N ASN A 375 3.94 -28.49 13.35
CA ASN A 375 3.07 -27.46 12.77
C ASN A 375 1.88 -28.22 12.18
N LYS A 376 0.81 -27.51 11.88
CA LYS A 376 -0.07 -27.84 10.78
C LYS A 376 0.39 -26.89 9.68
N GLU A 377 -0.34 -26.78 8.57
CA GLU A 377 0.06 -25.82 7.54
C GLU A 377 1.46 -26.18 7.07
N SER A 378 2.50 -25.34 7.25
CA SER A 378 3.75 -25.58 6.53
C SER A 378 4.26 -27.00 6.74
N ASN A 379 4.30 -27.73 5.63
CA ASN A 379 4.61 -29.15 5.61
C ASN A 379 5.03 -29.52 4.20
N LEU A 380 5.64 -30.69 4.07
CA LEU A 380 5.94 -31.26 2.77
C LEU A 380 5.70 -32.75 2.84
N SER A 381 5.12 -33.28 1.78
CA SER A 381 4.81 -34.70 1.69
C SER A 381 5.62 -35.28 0.56
N THR A 382 6.18 -36.47 0.80
CA THR A 382 6.90 -37.15 -0.25
C THR A 382 6.59 -38.62 -0.17
N THR A 383 6.49 -39.25 -1.33
CA THR A 383 6.32 -40.69 -1.44
C THR A 383 7.63 -41.40 -1.77
N SER A 384 8.73 -40.68 -1.91
CA SER A 384 9.92 -41.40 -2.32
C SER A 384 10.60 -42.02 -1.11
N PRO A 385 11.09 -43.26 -1.22
CA PRO A 385 11.74 -43.87 -0.05
C PRO A 385 13.05 -43.23 0.33
N TYR A 386 13.77 -42.64 -0.63
CA TYR A 386 15.06 -42.05 -0.29
C TYR A 386 14.87 -40.72 0.40
N MET A 387 13.92 -39.91 -0.07
CA MET A 387 13.60 -38.67 0.63
C MET A 387 13.01 -38.97 2.00
N LYS A 388 12.37 -40.13 2.15
CA LYS A 388 11.82 -40.51 3.44
C LYS A 388 12.93 -40.84 4.41
N ALA A 389 13.99 -41.49 3.93
CA ALA A 389 15.08 -41.80 4.83
C ALA A 389 15.91 -40.56 5.17
N ILE A 390 15.98 -39.60 4.24
CA ILE A 390 16.71 -38.39 4.53
C ILE A 390 15.94 -37.51 5.51
N LEU A 391 14.61 -37.44 5.37
CA LEU A 391 13.84 -36.60 6.28
C LEU A 391 13.69 -37.23 7.67
N TYR A 392 13.70 -38.55 7.75
CA TYR A 392 13.69 -39.16 9.06
C TYR A 392 15.07 -39.12 9.70
N THR A 393 16.11 -38.92 8.88
CA THR A 393 17.43 -38.69 9.47
C THR A 393 17.57 -37.26 9.98
N PHE A 394 16.99 -36.29 9.27
CA PHE A 394 17.03 -34.91 9.73
C PHE A 394 16.10 -34.68 10.90
N SER A 395 15.15 -35.57 11.14
CA SER A 395 14.18 -35.30 12.20
C SER A 395 14.66 -35.71 13.59
N GLU A 396 15.69 -36.53 13.69
CA GLU A 396 16.29 -36.84 14.99
C GLU A 396 17.58 -36.05 15.27
N ASN A 397 18.07 -35.30 14.29
CA ASN A 397 19.23 -34.42 14.41
C ASN A 397 18.89 -32.95 14.56
N LEU A 398 17.64 -32.59 14.84
CA LEU A 398 17.20 -31.20 14.77
C LEU A 398 18.16 -30.26 15.48
N ASN A 399 18.49 -29.17 14.79
CA ASN A 399 19.39 -28.12 15.27
C ASN A 399 20.76 -28.66 15.62
N ASN A 400 21.17 -29.72 14.93
CA ASN A 400 22.49 -30.32 15.08
C ASN A 400 23.09 -30.46 13.68
N PRO A 401 23.95 -29.55 13.25
CA PRO A 401 24.49 -29.63 11.89
C PRO A 401 25.04 -31.01 11.58
N LEU A 402 24.82 -31.44 10.36
CA LEU A 402 25.11 -32.81 9.93
C LEU A 402 25.80 -32.73 8.57
N SER A 403 26.94 -33.41 8.43
CA SER A 403 27.68 -33.35 7.17
C SER A 403 26.93 -34.13 6.09
N PHE A 404 27.49 -34.11 4.88
CA PHE A 404 26.83 -34.79 3.78
C PHE A 404 27.01 -36.29 3.90
N LYS A 405 28.13 -36.73 4.46
CA LYS A 405 28.36 -38.16 4.66
C LYS A 405 27.64 -38.68 5.90
N GLN A 406 27.27 -37.81 6.84
CA GLN A 406 26.48 -38.25 7.98
C GLN A 406 25.00 -38.40 7.62
N VAL A 407 24.46 -37.41 6.90
CA VAL A 407 23.08 -37.52 6.44
C VAL A 407 22.97 -38.69 5.50
N THR A 408 23.94 -38.81 4.61
CA THR A 408 23.89 -39.85 3.61
C THR A 408 24.11 -41.21 4.23
N SER A 409 25.09 -41.33 5.12
CA SER A 409 25.39 -42.63 5.70
C SER A 409 24.30 -43.08 6.67
N GLU A 410 23.72 -42.14 7.43
CA GLU A 410 22.67 -42.51 8.37
C GLU A 410 21.34 -42.75 7.66
N ALA A 411 21.09 -42.07 6.54
CA ALA A 411 19.90 -42.36 5.77
C ALA A 411 20.05 -43.65 4.97
N ASN A 412 21.28 -44.08 4.74
CA ASN A 412 21.45 -45.35 4.05
C ASN A 412 21.26 -46.54 4.98
N THR A 413 21.38 -46.37 6.29
CA THR A 413 21.17 -47.50 7.18
C THR A 413 19.69 -47.73 7.50
N LYS A 414 18.81 -46.81 7.11
CA LYS A 414 17.39 -47.03 7.26
C LYS A 414 16.81 -47.85 6.12
N LEU A 415 17.53 -47.90 5.00
CA LEU A 415 17.21 -48.67 3.81
C LEU A 415 17.99 -49.99 3.73
N ASN A 416 18.67 -50.39 4.82
CA ASN A 416 19.45 -51.63 4.88
C ASN A 416 20.75 -51.52 4.04
N ASN A 417 21.33 -50.34 4.01
CA ASN A 417 22.68 -50.07 3.49
C ASN A 417 22.86 -50.51 2.05
N THR A 418 21.77 -50.66 1.30
CA THR A 418 21.87 -51.05 -0.09
C THR A 418 21.81 -49.87 -1.05
N LYS A 419 21.30 -48.72 -0.60
CA LYS A 419 20.87 -47.60 -1.44
C LYS A 419 21.83 -46.40 -1.50
N LEU A 420 23.06 -46.51 -0.98
CA LEU A 420 23.89 -45.32 -0.77
C LEU A 420 23.90 -44.33 -1.94
N ASN A 421 24.11 -44.81 -3.17
CA ASN A 421 24.18 -43.88 -4.29
C ASN A 421 22.83 -43.26 -4.62
N GLU A 422 21.72 -43.91 -4.26
CA GLU A 422 20.41 -43.32 -4.55
C GLU A 422 20.08 -42.22 -3.53
N ILE A 423 20.47 -42.42 -2.27
CA ILE A 423 20.30 -41.40 -1.25
C ILE A 423 21.16 -40.19 -1.61
N LYS A 424 22.43 -40.44 -1.94
CA LYS A 424 23.30 -39.35 -2.37
C LYS A 424 22.70 -38.60 -3.54
N ASN A 425 22.17 -39.32 -4.53
CA ASN A 425 21.69 -38.58 -5.70
C ASN A 425 20.43 -37.76 -5.39
N GLU A 426 19.59 -38.21 -4.43
CA GLU A 426 18.42 -37.38 -4.11
C GLU A 426 18.79 -36.16 -3.28
N LEU A 427 19.72 -36.35 -2.34
CA LEU A 427 20.20 -35.18 -1.60
C LEU A 427 20.87 -34.19 -2.55
N LEU A 428 21.76 -34.70 -3.40
CA LEU A 428 22.43 -33.90 -4.41
C LEU A 428 21.43 -33.07 -5.20
N ASN A 429 20.32 -33.67 -5.62
CA ASN A 429 19.38 -32.95 -6.47
C ASN A 429 18.54 -31.95 -5.67
N ASN A 430 17.77 -32.43 -4.67
CA ASN A 430 16.82 -31.52 -4.03
C ASN A 430 17.45 -30.53 -3.06
N ALA A 431 18.65 -30.83 -2.55
CA ALA A 431 19.24 -30.05 -1.47
C ALA A 431 19.37 -28.56 -1.77
N MET A 432 20.29 -28.17 -2.67
CA MET A 432 20.49 -26.74 -2.94
C MET A 432 19.19 -26.06 -3.33
N LYS A 433 18.39 -26.71 -4.19
CA LYS A 433 17.11 -26.13 -4.56
C LYS A 433 16.28 -25.79 -3.33
N LEU A 434 16.38 -26.60 -2.28
CA LEU A 434 15.63 -26.34 -1.06
C LEU A 434 16.36 -25.40 -0.12
N VAL A 435 17.65 -25.18 -0.32
CA VAL A 435 18.39 -24.24 0.50
C VAL A 435 18.14 -22.80 0.04
N LEU A 436 18.05 -22.59 -1.27
CA LEU A 436 17.79 -21.24 -1.74
C LEU A 436 16.33 -20.84 -1.59
N GLN A 437 15.45 -21.77 -1.23
CA GLN A 437 14.05 -21.47 -0.97
C GLN A 437 13.78 -21.20 0.50
N GLY A 438 14.75 -21.45 1.38
CA GLY A 438 14.64 -21.18 2.79
C GLY A 438 14.39 -22.37 3.68
N TYR A 439 13.86 -23.48 3.13
CA TYR A 439 13.46 -24.62 3.96
C TYR A 439 14.65 -25.28 4.69
N ILE A 440 15.82 -25.32 4.06
CA ILE A 440 17.00 -25.97 4.63
C ILE A 440 18.02 -24.92 5.05
N SER A 441 18.68 -25.12 6.19
CA SER A 441 19.71 -24.23 6.66
C SER A 441 21.08 -24.86 6.48
N ILE A 442 22.02 -24.08 5.98
CA ILE A 442 23.39 -24.54 5.86
C ILE A 442 24.21 -23.72 6.82
N THR A 443 25.30 -24.31 7.27
CA THR A 443 26.17 -23.60 8.18
C THR A 443 27.55 -24.20 8.09
N ASN A 444 28.52 -23.41 8.51
CA ASN A 444 29.89 -23.88 8.59
C ASN A 444 30.18 -24.45 9.97
N GLN A 445 29.23 -24.38 10.89
CA GLN A 445 29.42 -24.91 12.23
C GLN A 445 29.49 -26.42 12.19
N LYS A 446 30.34 -26.97 13.05
CA LYS A 446 30.61 -28.40 13.06
C LYS A 446 29.48 -29.17 13.76
N HIS A 447 29.38 -30.45 13.43
CA HIS A 447 28.45 -31.32 14.14
C HIS A 447 28.82 -31.40 15.61
N ARG A 448 27.84 -31.57 16.47
CA ARG A 448 28.10 -31.65 17.90
C ARG A 448 27.88 -33.07 18.41
N SER A 449 28.65 -33.40 19.45
CA SER A 449 28.56 -34.74 20.03
C SER A 449 27.23 -34.84 20.77
N LYS A 450 26.49 -35.91 20.51
CA LYS A 450 25.19 -36.11 21.12
C LYS A 450 25.29 -35.93 22.63
N PRO A 451 24.49 -35.04 23.23
CA PRO A 451 24.65 -34.78 24.66
C PRO A 451 24.31 -36.01 25.47
N VAL A 452 24.83 -36.03 26.70
CA VAL A 452 24.53 -37.11 27.63
C VAL A 452 23.33 -36.70 28.47
N LEU A 453 22.31 -37.55 28.50
CA LEU A 453 21.08 -37.22 29.20
C LEU A 453 21.00 -37.82 30.60
N ASP A 454 22.03 -38.53 31.06
CA ASP A 454 22.07 -39.01 32.44
C ASP A 454 21.96 -37.85 33.41
N LYS A 455 22.96 -36.97 33.40
CA LYS A 455 22.95 -35.75 34.19
C LYS A 455 23.08 -34.64 33.16
N PRO A 456 21.97 -34.16 32.62
CA PRO A 456 22.05 -33.15 31.56
C PRO A 456 22.80 -31.92 32.07
N LYS A 457 23.51 -31.27 31.15
CA LYS A 457 24.31 -30.10 31.46
C LYS A 457 24.08 -29.09 30.36
N THR A 458 23.58 -27.92 30.72
CA THR A 458 23.37 -26.89 29.71
C THR A 458 24.57 -25.95 29.67
N THR A 459 24.54 -25.04 28.71
CA THR A 459 25.65 -24.13 28.45
C THR A 459 25.73 -23.02 29.51
N GLN A 460 26.92 -22.43 29.59
CA GLN A 460 27.21 -21.42 30.62
C GLN A 460 26.33 -20.19 30.46
N MET A 461 26.02 -19.82 29.22
CA MET A 461 25.22 -18.62 28.98
C MET A 461 23.81 -18.79 29.53
N VAL A 462 23.19 -19.94 29.28
CA VAL A 462 21.82 -20.10 29.76
C VAL A 462 21.77 -20.44 31.24
N ILE A 463 22.85 -20.98 31.84
CA ILE A 463 22.81 -21.12 33.29
C ILE A 463 22.83 -19.74 33.92
N TYR A 464 23.65 -18.84 33.38
CA TYR A 464 23.65 -17.50 33.95
C TYR A 464 22.31 -16.81 33.72
N GLN A 465 21.67 -17.08 32.59
CA GLN A 465 20.38 -16.43 32.36
C GLN A 465 19.27 -17.05 33.19
N ALA A 466 19.39 -18.35 33.47
CA ALA A 466 18.38 -19.03 34.26
C ALA A 466 18.46 -18.60 35.71
N LYS A 467 19.69 -18.54 36.26
CA LYS A 467 19.84 -18.15 37.65
C LYS A 467 19.60 -16.66 37.84
N TYR A 468 20.46 -15.83 37.26
CA TYR A 468 20.54 -14.42 37.61
C TYR A 468 19.78 -13.48 36.72
N THR A 469 19.02 -13.98 35.74
CA THR A 469 18.30 -13.01 34.93
C THR A 469 16.80 -13.25 35.06
N PRO A 470 15.97 -12.19 35.12
CA PRO A 470 14.51 -12.37 35.19
C PRO A 470 13.86 -12.46 33.81
N SER A 471 14.49 -13.20 32.90
CA SER A 471 13.99 -13.35 31.54
C SER A 471 13.28 -14.67 31.41
N MET A 472 12.24 -14.68 30.57
CA MET A 472 11.47 -15.88 30.32
C MET A 472 11.95 -16.62 29.08
N TRP A 473 13.11 -16.22 28.55
CA TRP A 473 13.76 -16.80 27.39
C TRP A 473 15.24 -16.88 27.65
N VAL A 474 15.92 -17.83 26.99
CA VAL A 474 17.36 -18.00 27.11
C VAL A 474 17.96 -18.03 25.72
N THR A 475 19.27 -17.85 25.64
CA THR A 475 19.99 -17.85 24.37
C THR A 475 20.62 -19.21 24.14
N ASN A 476 20.32 -19.84 23.01
CA ASN A 476 20.82 -21.20 22.78
C ASN A 476 22.17 -21.16 22.07
N LEU A 477 22.67 -22.33 21.65
CA LEU A 477 23.98 -22.38 21.01
C LEU A 477 23.93 -21.86 19.59
N LYS A 478 22.75 -21.80 18.97
CA LYS A 478 22.58 -21.24 17.64
C LYS A 478 22.31 -19.75 17.71
N HIS A 479 22.38 -19.19 18.91
CA HIS A 479 22.20 -17.76 19.14
C HIS A 479 20.75 -17.35 18.87
N GLU A 480 19.81 -18.20 19.29
CA GLU A 480 18.42 -17.81 19.13
C GLU A 480 17.78 -17.67 20.51
N PRO A 481 16.91 -16.68 20.70
CA PRO A 481 16.14 -16.64 21.95
C PRO A 481 15.07 -17.72 21.89
N ILE A 482 14.96 -18.52 22.95
CA ILE A 482 13.92 -19.53 23.03
C ILE A 482 13.26 -19.41 24.40
N GLY A 483 11.94 -19.52 24.41
CA GLY A 483 11.18 -19.28 25.63
C GLY A 483 11.18 -20.47 26.58
N VAL A 484 11.02 -20.17 27.87
CA VAL A 484 10.89 -21.19 28.90
C VAL A 484 9.78 -20.75 29.85
N ASN A 485 9.08 -21.71 30.47
CA ASN A 485 8.04 -21.31 31.41
C ASN A 485 8.31 -21.79 32.83
N PHE A 486 8.97 -20.97 33.61
CA PHE A 486 9.00 -20.99 35.07
C PHE A 486 9.41 -22.35 35.63
N PHE A 487 9.08 -23.42 34.91
CA PHE A 487 9.52 -24.75 35.26
C PHE A 487 10.86 -25.04 34.61
N GLU A 488 10.91 -24.68 33.33
CA GLU A 488 12.11 -24.88 32.53
C GLU A 488 13.27 -24.07 33.08
N LYS A 489 13.02 -22.79 33.38
CA LYS A 489 14.03 -21.94 34.02
C LYS A 489 14.61 -22.60 35.28
N PHE A 490 13.72 -22.97 36.21
CA PHE A 490 14.15 -23.58 37.46
C PHE A 490 14.92 -24.87 37.20
N ALA A 491 14.49 -25.65 36.21
CA ALA A 491 15.21 -26.86 35.85
C ALA A 491 16.61 -26.56 35.36
N LEU A 492 16.74 -25.59 34.45
CA LEU A 492 18.05 -25.24 33.91
C LEU A 492 18.99 -24.71 34.98
N ARG A 493 18.44 -24.14 36.06
CA ARG A 493 19.31 -23.68 37.16
C ARG A 493 20.19 -24.81 37.67
N TYR A 494 19.65 -26.01 37.75
CA TYR A 494 20.34 -27.15 38.33
C TYR A 494 21.00 -28.05 37.30
N MET A 495 21.00 -27.69 36.01
CA MET A 495 21.54 -28.60 35.02
C MET A 495 23.01 -28.21 34.81
N ASP A 496 23.86 -29.03 35.42
CA ASP A 496 25.32 -29.06 35.35
C ASP A 496 25.68 -30.54 35.20
N GLY A 497 26.93 -30.85 34.87
CA GLY A 497 27.22 -32.25 34.56
C GLY A 497 27.14 -33.14 35.78
N ARG A 498 26.64 -32.57 36.88
CA ARG A 498 26.60 -33.24 38.17
C ARG A 498 25.18 -33.70 38.51
N ASN A 499 24.24 -32.77 38.67
CA ASN A 499 22.89 -33.14 39.09
C ASN A 499 22.16 -33.95 38.03
N ASP A 500 21.53 -35.04 38.47
CA ASP A 500 20.75 -35.94 37.63
C ASP A 500 19.26 -35.84 37.97
N LYS A 501 18.47 -36.68 37.28
CA LYS A 501 17.01 -36.61 37.29
C LYS A 501 16.43 -36.45 38.69
N LYS A 502 16.61 -37.44 39.56
CA LYS A 502 16.10 -37.39 40.92
C LYS A 502 16.49 -36.09 41.62
N ALA A 503 17.78 -35.77 41.62
CA ALA A 503 18.27 -34.57 42.31
C ALA A 503 17.59 -33.30 41.79
N ILE A 504 17.59 -33.13 40.45
CA ILE A 504 16.96 -31.95 39.86
C ILE A 504 15.52 -31.84 40.30
N ILE A 505 14.81 -32.97 40.32
CA ILE A 505 13.41 -32.94 40.73
C ILE A 505 13.28 -32.54 42.19
N GLU A 506 14.12 -33.09 43.06
CA GLU A 506 14.05 -32.72 44.47
C GLU A 506 14.32 -31.23 44.65
N ALA A 507 15.25 -30.67 43.88
CA ALA A 507 15.52 -29.24 43.98
C ALA A 507 14.31 -28.42 43.57
N ILE A 508 13.72 -28.73 42.41
CA ILE A 508 12.53 -28.01 41.96
C ILE A 508 11.38 -28.16 42.96
N LEU A 509 11.22 -29.36 43.52
CA LEU A 509 10.24 -29.59 44.58
C LEU A 509 10.50 -28.67 45.76
N GLY A 510 11.75 -28.57 46.17
CA GLY A 510 12.13 -27.58 47.17
C GLY A 510 11.61 -26.21 46.81
N HIS A 511 11.81 -25.79 45.57
CA HIS A 511 11.26 -24.51 45.14
C HIS A 511 9.75 -24.46 45.31
N VAL A 512 9.05 -25.50 44.87
CA VAL A 512 7.58 -25.45 44.95
C VAL A 512 7.12 -25.34 46.39
N GLU A 513 7.91 -25.85 47.34
CA GLU A 513 7.56 -25.71 48.76
C GLU A 513 7.63 -24.25 49.19
N LYS A 514 8.77 -23.58 48.96
CA LYS A 514 8.92 -22.15 49.14
C LYS A 514 8.20 -21.35 48.07
N GLY A 515 7.62 -22.04 47.09
CA GLY A 515 7.24 -21.48 45.81
C GLY A 515 6.47 -20.19 45.79
N GLU A 516 6.79 -19.28 44.87
CA GLU A 516 7.88 -19.23 43.84
C GLU A 516 7.71 -20.16 42.64
N LEU A 517 6.96 -21.24 42.80
CA LEU A 517 6.62 -22.10 41.67
C LEU A 517 5.19 -22.57 41.93
N THR A 518 4.30 -22.27 41.01
CA THR A 518 2.94 -22.76 41.08
C THR A 518 2.82 -23.82 40.01
N LEU A 519 2.50 -25.05 40.40
CA LEU A 519 2.33 -26.11 39.43
C LEU A 519 0.88 -26.56 39.45
N SER A 520 0.24 -26.41 38.31
CA SER A 520 -1.20 -26.52 38.16
C SER A 520 -1.46 -27.30 36.88
N ARG A 521 -2.33 -28.30 36.95
CA ARG A 521 -2.51 -29.14 35.76
C ARG A 521 -3.47 -28.55 34.72
N GLU A 522 -4.38 -27.64 35.11
CA GLU A 522 -5.69 -27.40 34.44
C GLU A 522 -6.94 -28.30 34.79
N GLY A 523 -6.87 -29.22 35.77
CA GLY A 523 -5.93 -29.05 36.87
C GLY A 523 -6.47 -27.94 37.75
N GLN A 524 -5.73 -26.82 37.80
CA GLN A 524 -6.00 -25.75 38.76
C GLN A 524 -5.67 -26.14 40.20
N LYS A 525 -4.38 -26.01 40.55
CA LYS A 525 -3.87 -26.31 41.89
C LYS A 525 -3.84 -27.79 42.23
N ILE A 526 -2.75 -28.44 41.82
CA ILE A 526 -2.51 -29.87 41.98
C ILE A 526 -3.03 -30.31 43.37
N GLU A 527 -2.53 -29.86 44.53
CA GLU A 527 -1.15 -29.69 44.95
C GLU A 527 -1.05 -30.35 46.31
N ASN A 528 -0.39 -31.51 46.45
CA ASN A 528 -0.26 -31.97 47.82
C ASN A 528 1.18 -32.28 48.21
N LYS A 529 1.64 -33.49 47.90
CA LYS A 529 3.04 -33.85 48.00
C LYS A 529 3.50 -34.65 46.80
N GLU A 530 2.96 -35.87 46.69
CA GLU A 530 3.22 -36.79 45.58
C GLU A 530 2.19 -36.69 44.48
N GLU A 531 1.27 -35.74 44.57
CA GLU A 531 0.66 -35.25 43.35
C GLU A 531 1.60 -34.27 42.66
N ILE A 532 2.75 -34.07 43.29
CA ILE A 532 3.93 -33.39 42.78
C ILE A 532 4.98 -34.48 42.94
N ARG A 533 6.09 -34.36 42.21
CA ARG A 533 7.03 -35.46 42.08
C ARG A 533 6.39 -36.57 41.27
N LYS A 534 5.06 -36.55 41.13
CA LYS A 534 4.41 -37.24 40.03
C LYS A 534 4.04 -36.29 38.91
N GLU A 535 4.01 -34.99 39.18
CA GLU A 535 3.85 -34.02 38.12
C GLU A 535 5.20 -33.52 37.62
N LEU A 536 6.25 -33.78 38.40
CA LEU A 536 7.59 -33.41 37.98
C LEU A 536 8.16 -34.47 37.06
N GLU A 537 8.05 -35.75 37.43
CA GLU A 537 8.47 -36.83 36.55
C GLU A 537 7.69 -36.85 35.24
N SER A 538 6.53 -36.20 35.23
CA SER A 538 5.75 -36.03 34.01
C SER A 538 6.34 -34.91 33.16
N LEU A 539 6.40 -33.71 33.72
CA LEU A 539 6.89 -32.54 32.98
C LEU A 539 8.37 -32.64 32.65
N PHE A 540 9.09 -33.62 33.19
CA PHE A 540 10.54 -33.71 33.00
C PHE A 540 10.91 -34.20 31.60
N THR A 541 10.61 -35.46 31.29
CA THR A 541 11.01 -36.08 30.02
C THR A 541 10.72 -35.24 28.77
N PRO A 542 9.50 -34.75 28.53
CA PRO A 542 9.29 -33.91 27.33
C PRO A 542 10.13 -32.65 27.33
N MET A 543 10.51 -32.15 28.51
CA MET A 543 11.38 -30.99 28.63
C MET A 543 12.82 -31.31 28.22
N ILE A 544 13.33 -32.48 28.62
CA ILE A 544 14.65 -32.89 28.14
C ILE A 544 14.63 -33.09 26.63
N GLU A 545 13.51 -33.58 26.10
CA GLU A 545 13.39 -33.62 24.64
C GLU A 545 13.49 -32.21 24.07
N LYS A 546 12.65 -31.30 24.58
CA LYS A 546 12.65 -29.92 24.11
C LYS A 546 14.04 -29.28 24.15
N PHE A 547 14.75 -29.44 25.26
CA PHE A 547 16.09 -28.87 25.39
C PHE A 547 17.03 -29.53 24.40
N CYS A 548 17.04 -30.86 24.36
CA CYS A 548 18.00 -31.58 23.54
C CYS A 548 17.94 -31.19 22.07
N SER A 549 16.76 -30.82 21.56
CA SER A 549 16.60 -30.49 20.15
C SER A 549 16.65 -29.00 19.85
N ASN A 550 16.72 -28.16 20.87
CA ASN A 550 16.84 -26.72 20.71
C ASN A 550 18.26 -26.20 20.90
N ALA A 551 19.23 -27.10 21.01
CA ALA A 551 20.62 -26.75 21.14
C ALA A 551 20.89 -26.06 22.48
N LEU A 552 20.16 -26.46 23.52
CA LEU A 552 20.40 -26.02 24.88
C LEU A 552 21.20 -27.01 25.70
N LEU A 553 21.56 -28.16 25.16
CA LEU A 553 22.30 -29.16 25.92
C LEU A 553 23.64 -29.40 25.25
N VAL A 554 24.70 -29.38 26.04
CA VAL A 554 26.02 -29.45 25.45
C VAL A 554 26.43 -30.92 25.32
N TYR B 44 -1.75 17.41 -23.95
CA TYR B 44 -2.08 18.74 -24.43
C TYR B 44 -3.44 18.77 -25.14
N GLU B 45 -4.40 18.01 -24.61
CA GLU B 45 -5.78 18.06 -25.05
C GLU B 45 -6.61 18.56 -23.88
N SER B 46 -7.36 19.63 -24.09
CA SER B 46 -8.10 20.27 -23.01
C SER B 46 -9.50 19.67 -22.92
N TYR B 47 -9.81 19.08 -21.75
CA TYR B 47 -11.06 18.42 -21.41
C TYR B 47 -11.83 19.28 -20.42
N PRO B 48 -13.15 19.23 -20.43
CA PRO B 48 -13.91 19.84 -19.34
C PRO B 48 -13.93 18.88 -18.17
N TYR B 49 -14.06 19.43 -16.96
CA TYR B 49 -14.23 18.64 -15.75
C TYR B 49 -15.54 19.08 -15.13
N ALA B 50 -16.55 18.22 -15.18
CA ALA B 50 -17.88 18.65 -14.71
C ALA B 50 -17.89 18.96 -13.23
N ILE B 51 -16.95 18.39 -12.46
CA ILE B 51 -16.92 18.62 -11.03
C ILE B 51 -16.50 20.04 -10.72
N THR B 52 -16.04 20.75 -11.75
CA THR B 52 -15.57 22.13 -11.66
C THR B 52 -16.63 23.16 -11.98
N ASN B 53 -17.76 22.76 -12.58
CA ASN B 53 -18.78 23.68 -13.02
C ASN B 53 -19.15 24.63 -11.88
N PRO B 54 -19.12 25.94 -12.10
CA PRO B 54 -19.52 26.90 -11.06
C PRO B 54 -20.90 26.62 -10.49
N TYR B 55 -21.76 25.98 -11.29
CA TYR B 55 -23.10 25.66 -10.79
C TYR B 55 -23.05 24.54 -9.76
N HIS B 56 -22.05 23.66 -9.86
CA HIS B 56 -21.93 22.62 -8.86
C HIS B 56 -21.39 23.20 -7.56
N LEU B 57 -20.59 24.26 -7.65
CA LEU B 57 -20.10 24.92 -6.44
C LEU B 57 -21.19 25.78 -5.81
N SER B 58 -21.96 26.51 -6.63
CA SER B 58 -23.10 27.23 -6.08
C SER B 58 -24.09 26.28 -5.43
N THR B 59 -24.18 25.05 -5.95
CA THR B 59 -25.13 24.09 -5.41
C THR B 59 -24.62 23.47 -4.12
N LEU B 60 -23.34 23.08 -4.11
CA LEU B 60 -22.80 22.50 -2.89
C LEU B 60 -22.71 23.54 -1.77
N ALA B 61 -22.55 24.82 -2.13
CA ALA B 61 -22.61 25.87 -1.11
C ALA B 61 -24.04 26.07 -0.63
N THR B 62 -24.97 26.29 -1.56
CA THR B 62 -26.37 26.44 -1.22
C THR B 62 -26.83 25.34 -0.29
N LEU B 63 -26.31 24.12 -0.48
CA LEU B 63 -26.65 23.01 0.41
C LEU B 63 -26.14 23.22 1.83
N PHE B 64 -25.04 23.95 2.00
CA PHE B 64 -24.47 24.20 3.31
C PHE B 64 -24.83 25.55 3.90
N GLY B 65 -25.61 26.36 3.19
CA GLY B 65 -26.13 27.59 3.75
C GLY B 65 -25.50 28.88 3.22
N ILE B 66 -24.54 28.81 2.34
CA ILE B 66 -23.98 30.03 1.78
C ILE B 66 -24.73 30.31 0.49
N ASN B 67 -25.04 31.57 0.25
CA ASN B 67 -25.70 31.96 -0.98
C ASN B 67 -24.59 32.52 -1.86
N ALA B 68 -24.17 31.73 -2.84
CA ALA B 68 -23.09 32.13 -3.72
C ALA B 68 -23.62 33.04 -4.82
N PRO B 69 -22.75 33.81 -5.47
CA PRO B 69 -23.24 34.72 -6.50
C PRO B 69 -23.94 33.96 -7.62
N GLU B 70 -24.81 34.65 -8.34
CA GLU B 70 -25.48 34.02 -9.46
C GLU B 70 -24.48 33.73 -10.56
N VAL B 71 -24.62 32.57 -11.18
CA VAL B 71 -23.67 32.22 -12.24
C VAL B 71 -24.02 32.94 -13.54
N GLU B 72 -25.30 33.26 -13.75
CA GLU B 72 -25.74 33.86 -15.01
C GLU B 72 -24.92 35.11 -15.36
N ASN B 73 -24.59 35.91 -14.35
CA ASN B 73 -23.66 37.03 -14.48
C ASN B 73 -22.68 36.92 -13.32
N SER B 74 -21.44 36.53 -13.60
CA SER B 74 -20.46 36.36 -12.54
C SER B 74 -19.06 36.60 -13.06
N LYS B 75 -18.11 36.50 -12.14
CA LYS B 75 -16.69 36.50 -12.46
C LYS B 75 -16.12 35.15 -12.08
N ILE B 76 -15.61 34.45 -13.08
CA ILE B 76 -14.99 33.16 -12.92
C ILE B 76 -13.52 33.31 -13.28
N LEU B 77 -12.65 32.78 -12.42
CA LEU B 77 -11.22 32.79 -12.65
C LEU B 77 -10.78 31.35 -12.80
N GLU B 78 -9.82 31.10 -13.68
CA GLU B 78 -9.25 29.77 -13.79
C GLU B 78 -7.75 29.87 -13.68
N LEU B 79 -7.19 29.25 -12.64
CA LEU B 79 -5.75 29.21 -12.44
C LEU B 79 -5.23 27.93 -13.06
N GLY B 80 -4.39 28.05 -14.07
CA GLY B 80 -3.97 26.89 -14.81
C GLY B 80 -4.99 26.39 -15.81
N CYS B 81 -5.46 27.31 -16.63
CA CYS B 81 -6.42 27.08 -17.71
C CYS B 81 -5.60 26.56 -18.88
N ALA B 82 -6.02 26.84 -20.11
CA ALA B 82 -5.18 26.46 -21.25
C ALA B 82 -5.08 24.96 -21.48
N ALA B 83 -5.85 24.46 -22.43
CA ALA B 83 -6.35 25.28 -23.56
C ALA B 83 -7.73 25.91 -23.36
N GLY B 84 -8.24 25.85 -22.13
CA GLY B 84 -9.49 26.49 -21.80
C GLY B 84 -10.71 25.67 -22.15
N GLY B 85 -10.55 24.36 -22.34
CA GLY B 85 -11.71 23.53 -22.53
C GLY B 85 -12.57 23.40 -21.30
N ASN B 86 -12.04 23.84 -20.16
CA ASN B 86 -12.75 23.87 -18.89
C ASN B 86 -13.34 25.25 -18.61
N LEU B 87 -13.24 26.17 -19.58
CA LEU B 87 -13.69 27.54 -19.41
C LEU B 87 -14.59 27.96 -20.56
N ILE B 88 -14.11 27.83 -21.80
CA ILE B 88 -14.86 28.26 -22.98
C ILE B 88 -16.33 27.75 -22.99
N PRO B 89 -16.58 26.45 -22.75
CA PRO B 89 -17.97 25.99 -22.83
C PRO B 89 -18.88 26.70 -21.88
N HIS B 90 -18.33 27.31 -20.82
CA HIS B 90 -19.13 28.11 -19.91
C HIS B 90 -19.42 29.47 -20.52
N ALA B 91 -18.44 30.05 -21.22
CA ALA B 91 -18.60 31.35 -21.85
C ALA B 91 -19.59 31.31 -23.00
N VAL B 92 -19.82 30.13 -23.57
CA VAL B 92 -20.84 30.02 -24.62
C VAL B 92 -22.24 29.99 -24.02
N LEU B 93 -22.41 29.32 -22.87
CA LEU B 93 -23.74 29.16 -22.27
C LEU B 93 -24.15 30.36 -21.44
N TYR B 94 -23.21 31.16 -20.96
CA TYR B 94 -23.51 32.31 -20.09
C TYR B 94 -22.88 33.55 -20.69
N PRO B 95 -23.57 34.22 -21.62
CA PRO B 95 -22.98 35.38 -22.30
C PRO B 95 -22.86 36.62 -21.42
N ASN B 96 -23.57 36.67 -20.29
CA ASN B 96 -23.55 37.83 -19.40
C ASN B 96 -22.56 37.68 -18.25
N ALA B 97 -21.75 36.63 -18.22
CA ALA B 97 -20.75 36.49 -17.18
C ALA B 97 -19.39 36.84 -17.76
N HIS B 98 -18.40 36.99 -16.88
CA HIS B 98 -17.05 37.35 -17.31
C HIS B 98 -16.08 36.25 -16.89
N PHE B 99 -15.30 35.77 -17.86
CA PHE B 99 -14.35 34.69 -17.65
C PHE B 99 -12.93 35.15 -17.94
N VAL B 100 -12.02 34.82 -17.03
CA VAL B 100 -10.60 35.13 -17.12
C VAL B 100 -9.84 33.83 -16.90
N GLY B 101 -8.73 33.67 -17.60
CA GLY B 101 -7.91 32.50 -17.38
C GLY B 101 -6.44 32.85 -17.48
N VAL B 102 -5.64 32.08 -16.74
CA VAL B 102 -4.23 32.36 -16.53
C VAL B 102 -3.44 31.08 -16.73
N ASP B 103 -2.36 31.16 -17.51
CA ASP B 103 -1.49 30.00 -17.65
C ASP B 103 -0.10 30.44 -18.06
N LEU B 104 0.88 29.57 -17.76
CA LEU B 104 2.29 29.84 -18.02
C LEU B 104 2.79 29.31 -19.36
N SER B 105 2.01 28.50 -20.06
CA SER B 105 2.41 27.97 -21.35
C SER B 105 1.79 28.85 -22.41
N LYS B 106 2.62 29.60 -23.15
CA LYS B 106 2.11 30.42 -24.23
C LYS B 106 1.53 29.58 -25.35
N VAL B 107 2.09 28.38 -25.57
CA VAL B 107 1.65 27.48 -26.62
C VAL B 107 0.15 27.23 -26.55
N GLN B 108 -0.37 27.05 -25.32
CA GLN B 108 -1.77 26.78 -25.08
C GLN B 108 -2.61 28.05 -25.02
N ILE B 109 -2.12 29.09 -24.34
CA ILE B 109 -2.88 30.33 -24.23
C ILE B 109 -3.15 30.91 -25.60
N ASP B 110 -2.34 30.56 -26.60
CA ASP B 110 -2.63 30.97 -27.96
C ASP B 110 -3.71 30.11 -28.58
N GLU B 111 -3.74 28.82 -28.24
CA GLU B 111 -4.78 27.92 -28.75
C GLU B 111 -6.14 28.31 -28.18
N ALA B 112 -6.20 28.55 -26.88
CA ALA B 112 -7.43 29.02 -26.26
C ALA B 112 -7.97 30.24 -26.98
N ASN B 113 -7.09 31.20 -27.27
CA ASN B 113 -7.51 32.40 -27.97
C ASN B 113 -7.88 32.09 -29.42
N LYS B 114 -7.33 31.01 -29.97
CA LYS B 114 -7.68 30.61 -31.32
C LYS B 114 -9.10 30.06 -31.39
N ASN B 115 -9.54 29.41 -30.31
CA ASN B 115 -10.92 28.94 -30.24
C ASN B 115 -11.89 30.08 -29.88
N VAL B 116 -11.48 30.95 -28.95
CA VAL B 116 -12.31 32.09 -28.56
C VAL B 116 -12.50 33.01 -29.75
N ARG B 117 -11.55 33.01 -30.68
CA ARG B 117 -11.71 33.83 -31.85
C ARG B 117 -12.63 33.17 -32.85
N ALA B 118 -12.63 31.84 -32.91
CA ALA B 118 -13.48 31.14 -33.84
C ALA B 118 -14.95 31.14 -33.41
N LEU B 119 -15.23 31.12 -32.10
CA LEU B 119 -16.61 31.16 -31.64
C LEU B 119 -17.16 32.57 -31.53
N GLY B 120 -16.32 33.59 -31.53
CA GLY B 120 -16.80 34.95 -31.41
C GLY B 120 -17.37 35.32 -30.06
N LEU B 121 -16.55 35.21 -29.01
CA LEU B 121 -16.98 35.50 -27.64
C LEU B 121 -16.31 36.78 -27.13
N LYS B 122 -17.09 37.64 -26.51
CA LYS B 122 -16.54 38.86 -25.92
C LYS B 122 -16.37 38.78 -24.42
N ASN B 123 -16.84 37.71 -23.78
CA ASN B 123 -16.94 37.63 -22.33
C ASN B 123 -15.79 36.88 -21.68
N ILE B 124 -14.80 36.43 -22.45
CA ILE B 124 -13.71 35.61 -21.93
C ILE B 124 -12.39 36.15 -22.43
N GLU B 125 -11.40 36.20 -21.55
CA GLU B 125 -10.07 36.60 -21.95
C GLU B 125 -9.03 35.74 -21.23
N PHE B 126 -8.00 35.36 -22.00
CA PHE B 126 -6.89 34.56 -21.50
C PHE B 126 -5.63 35.40 -21.43
N HIS B 127 -4.89 35.21 -20.36
CA HIS B 127 -3.65 35.92 -20.10
C HIS B 127 -2.53 34.90 -20.01
N HIS B 128 -1.39 35.22 -20.63
CA HIS B 128 -0.19 34.39 -20.52
C HIS B 128 0.67 35.08 -19.48
N CYS B 129 0.68 34.53 -18.29
CA CYS B 129 1.46 35.05 -17.17
C CYS B 129 1.40 33.98 -16.10
N SER B 130 1.91 34.27 -14.91
CA SER B 130 1.91 33.30 -13.84
C SER B 130 0.99 33.75 -12.72
N ILE B 131 0.57 32.77 -11.90
CA ILE B 131 -0.28 33.07 -10.75
C ILE B 131 0.36 34.11 -9.85
N THR B 132 1.69 34.09 -9.74
CA THR B 132 2.40 35.03 -8.90
C THR B 132 2.24 36.47 -9.39
N ASP B 133 1.82 36.65 -10.64
CA ASP B 133 1.65 37.94 -11.28
C ASP B 133 0.25 38.51 -11.06
N ILE B 134 -0.57 37.87 -10.25
CA ILE B 134 -1.93 38.33 -10.00
C ILE B 134 -1.90 39.16 -8.72
N ASP B 135 -2.18 40.45 -8.85
CA ASP B 135 -2.28 41.34 -7.72
C ASP B 135 -3.75 41.51 -7.35
N ASP B 136 -4.04 42.46 -6.47
CA ASP B 136 -5.41 42.81 -6.14
C ASP B 136 -6.11 43.58 -7.26
N SER B 137 -5.38 44.02 -8.28
CA SER B 137 -5.96 44.78 -9.38
C SER B 137 -6.72 43.90 -10.37
N PHE B 138 -6.51 42.59 -10.34
CA PHE B 138 -7.25 41.66 -11.20
C PHE B 138 -8.76 41.68 -10.95
N GLY B 139 -9.19 42.21 -9.81
CA GLY B 139 -10.58 42.26 -9.45
C GLY B 139 -10.91 41.25 -8.37
N LYS B 140 -12.21 41.09 -8.14
CA LYS B 140 -12.72 40.14 -7.16
C LYS B 140 -13.62 39.17 -7.91
N PHE B 141 -13.27 37.90 -7.89
CA PHE B 141 -14.02 36.91 -8.65
C PHE B 141 -14.96 36.12 -7.77
N ASP B 142 -16.10 35.73 -8.35
CA ASP B 142 -17.12 34.99 -7.62
C ASP B 142 -16.80 33.52 -7.48
N TYR B 143 -16.16 32.92 -8.49
CA TYR B 143 -15.72 31.53 -8.40
C TYR B 143 -14.28 31.44 -8.90
N ILE B 144 -13.41 30.86 -8.09
CA ILE B 144 -12.00 30.69 -8.47
C ILE B 144 -11.75 29.19 -8.56
N ILE B 145 -11.33 28.73 -9.73
CA ILE B 145 -11.20 27.30 -10.03
C ILE B 145 -9.72 27.00 -10.28
N CYS B 146 -9.14 26.21 -9.37
CA CYS B 146 -7.77 25.74 -9.45
C CYS B 146 -7.76 24.21 -9.51
N HIS B 147 -7.54 23.66 -10.69
CA HIS B 147 -7.69 22.23 -10.92
C HIS B 147 -6.37 21.59 -11.30
N GLY B 148 -5.87 20.71 -10.44
CA GLY B 148 -4.74 19.87 -10.76
C GLY B 148 -3.44 20.60 -10.94
N VAL B 149 -3.21 21.66 -10.17
CA VAL B 149 -1.98 22.45 -10.26
C VAL B 149 -1.25 22.47 -8.92
N ILE B 150 -1.92 22.88 -7.84
CA ILE B 150 -1.30 23.24 -6.58
C ILE B 150 -0.37 22.18 -6.02
N SER B 151 -0.50 20.94 -6.49
CA SER B 151 0.43 19.92 -6.02
C SER B 151 1.67 19.79 -6.91
N TRP B 152 1.66 20.40 -8.09
CA TRP B 152 2.78 20.30 -9.02
C TRP B 152 3.69 21.54 -9.04
N VAL B 153 3.46 22.53 -8.19
CA VAL B 153 4.18 23.80 -8.31
C VAL B 153 5.03 24.01 -7.08
N PRO B 154 6.07 24.85 -7.18
CA PRO B 154 6.93 25.16 -6.03
C PRO B 154 6.16 25.88 -4.93
N LYS B 155 6.71 25.80 -3.71
CA LYS B 155 6.03 26.35 -2.54
C LYS B 155 5.63 27.81 -2.71
N ILE B 156 6.37 28.56 -3.52
CA ILE B 156 6.06 29.97 -3.69
C ILE B 156 4.74 30.13 -4.45
N VAL B 157 4.56 29.31 -5.49
CA VAL B 157 3.34 29.37 -6.27
C VAL B 157 2.16 28.91 -5.44
N ARG B 158 2.39 27.92 -4.56
CA ARG B 158 1.34 27.47 -3.66
C ARG B 158 0.86 28.59 -2.77
N ASP B 159 1.78 29.23 -2.04
CA ASP B 159 1.39 30.35 -1.21
C ASP B 159 0.64 31.39 -2.02
N LYS B 160 1.06 31.61 -3.27
CA LYS B 160 0.38 32.64 -4.06
C LYS B 160 -1.04 32.24 -4.42
N ILE B 161 -1.27 30.95 -4.72
CA ILE B 161 -2.63 30.50 -5.01
C ILE B 161 -3.51 30.66 -3.78
N PHE B 162 -2.99 30.27 -2.61
CA PHE B 162 -3.76 30.46 -1.39
C PHE B 162 -4.05 31.94 -1.14
N LYS B 163 -3.15 32.82 -1.58
CA LYS B 163 -3.42 34.25 -1.44
C LYS B 163 -4.56 34.67 -2.36
N VAL B 164 -4.44 34.40 -3.68
CA VAL B 164 -5.47 34.86 -4.62
C VAL B 164 -6.83 34.25 -4.32
N CYS B 165 -6.89 33.17 -3.53
CA CYS B 165 -8.19 32.64 -3.14
C CYS B 165 -8.77 33.38 -1.94
N ASN B 166 -8.08 34.43 -1.51
CA ASN B 166 -8.48 35.32 -0.44
C ASN B 166 -8.61 36.75 -0.97
N ARG B 167 -7.53 37.26 -1.55
CA ARG B 167 -7.45 38.63 -2.00
C ARG B 167 -8.39 38.88 -3.18
N ASN B 168 -8.50 37.91 -4.08
CA ASN B 168 -9.28 38.03 -5.30
C ASN B 168 -10.64 37.34 -5.25
N LEU B 169 -11.06 36.84 -4.09
CA LEU B 169 -12.33 36.14 -3.93
C LEU B 169 -13.37 37.06 -3.29
N SER B 170 -14.61 37.01 -3.80
CA SER B 170 -15.67 37.90 -3.34
C SER B 170 -16.06 37.57 -1.90
N THR B 171 -17.01 38.36 -1.37
CA THR B 171 -17.41 38.14 0.02
C THR B 171 -18.13 36.81 0.18
N ASN B 172 -19.03 36.48 -0.74
CA ASN B 172 -19.74 35.20 -0.72
C ASN B 172 -19.22 34.18 -1.74
N GLY B 173 -18.15 34.48 -2.46
CA GLY B 173 -17.64 33.61 -3.50
C GLY B 173 -17.08 32.30 -2.95
N ILE B 174 -16.62 31.46 -3.88
CA ILE B 174 -16.15 30.11 -3.57
C ILE B 174 -14.92 29.76 -4.39
N ALA B 175 -13.96 29.10 -3.75
CA ALA B 175 -12.73 28.65 -4.38
C ALA B 175 -12.70 27.12 -4.44
N TYR B 176 -12.03 26.61 -5.47
CA TYR B 176 -11.96 25.18 -5.74
C TYR B 176 -10.52 24.80 -5.98
N ILE B 177 -10.01 23.81 -5.25
CA ILE B 177 -8.62 23.39 -5.45
C ILE B 177 -8.56 21.86 -5.41
N SER B 178 -7.95 21.26 -6.43
CA SER B 178 -7.77 19.81 -6.42
C SER B 178 -6.31 19.45 -6.22
N TYR B 179 -6.06 18.41 -5.43
CA TYR B 179 -4.70 18.00 -5.11
C TYR B 179 -4.65 16.51 -4.75
N ASN B 180 -3.44 15.94 -4.85
CA ASN B 180 -3.21 14.55 -4.47
C ASN B 180 -2.83 14.46 -2.99
N THR B 181 -3.37 13.47 -2.30
CA THR B 181 -3.11 13.36 -0.88
C THR B 181 -2.47 12.01 -0.54
N LEU B 182 -1.94 11.95 0.68
CA LEU B 182 -1.37 10.76 1.24
C LEU B 182 -2.47 10.15 2.07
N PRO B 183 -2.45 8.83 2.29
CA PRO B 183 -1.52 7.79 1.86
C PRO B 183 -1.70 7.37 0.41
N GLY B 184 -2.90 7.64 -0.13
CA GLY B 184 -3.29 7.07 -1.42
C GLY B 184 -2.25 7.27 -2.50
N TRP B 185 -1.51 8.37 -2.44
CA TRP B 185 -0.54 8.66 -3.47
C TRP B 185 0.73 7.83 -3.33
N ASN B 186 0.94 7.18 -2.17
CA ASN B 186 2.15 6.39 -1.95
C ASN B 186 2.34 5.36 -3.05
N MET B 187 1.25 4.75 -3.54
CA MET B 187 1.39 3.78 -4.62
C MET B 187 1.82 4.45 -5.90
N VAL B 188 1.13 5.55 -6.26
CA VAL B 188 1.45 6.22 -7.52
C VAL B 188 2.86 6.76 -7.51
N ARG B 189 3.31 7.28 -6.36
CA ARG B 189 4.70 7.71 -6.28
C ARG B 189 5.63 6.53 -6.54
N THR B 190 5.35 5.40 -5.86
CA THR B 190 6.20 4.23 -6.03
C THR B 190 6.33 3.86 -7.50
N ILE B 191 5.21 3.68 -8.20
CA ILE B 191 5.29 3.32 -9.61
C ILE B 191 6.11 4.35 -10.36
N ARG B 192 5.93 5.64 -10.07
CA ARG B 192 6.67 6.65 -10.80
C ARG B 192 8.16 6.53 -10.56
N ASP B 193 8.56 6.13 -9.36
CA ASP B 193 9.96 5.84 -9.08
C ASP B 193 10.41 4.59 -9.83
N MET B 194 9.59 3.54 -9.80
CA MET B 194 9.98 2.29 -10.45
C MET B 194 10.20 2.49 -11.94
N MET B 195 9.50 3.47 -12.55
CA MET B 195 9.71 3.74 -13.97
C MET B 195 10.93 4.60 -14.22
N LEU B 196 11.25 5.50 -13.31
CA LEU B 196 12.45 6.32 -13.50
C LEU B 196 13.69 5.46 -13.35
N TYR B 197 13.73 4.64 -12.29
CA TYR B 197 14.87 3.74 -12.07
C TYR B 197 15.10 2.83 -13.28
N HIS B 198 14.02 2.34 -13.90
CA HIS B 198 14.20 1.50 -15.08
C HIS B 198 14.65 2.32 -16.29
N SER B 199 13.95 3.41 -16.60
CA SER B 199 14.11 4.18 -17.85
C SER B 199 15.35 5.02 -17.85
N SER B 200 16.12 4.81 -16.77
CA SER B 200 17.42 5.44 -16.64
C SER B 200 18.45 4.83 -17.57
N SER B 201 18.21 3.62 -18.07
CA SER B 201 19.08 2.93 -19.01
C SER B 201 18.87 3.35 -20.47
N PHE B 202 17.94 4.29 -20.71
CA PHE B 202 17.59 4.78 -22.04
C PHE B 202 17.54 6.29 -22.00
N THR B 203 17.81 6.95 -23.14
CA THR B 203 17.94 8.41 -23.17
C THR B 203 16.91 9.12 -24.03
N ASN B 204 16.84 8.85 -25.34
CA ASN B 204 15.93 9.57 -26.24
C ASN B 204 14.51 9.66 -25.68
N ILE B 205 13.89 10.83 -25.88
CA ILE B 205 12.51 11.04 -25.46
C ILE B 205 11.57 10.10 -26.21
N ARG B 206 12.00 9.59 -27.38
CA ARG B 206 11.23 8.58 -28.09
C ARG B 206 11.53 7.16 -27.60
N ASP B 207 12.68 6.95 -26.98
CA ASP B 207 13.09 5.67 -26.42
C ASP B 207 12.61 5.46 -24.97
N ARG B 208 12.62 6.53 -24.16
CA ARG B 208 12.26 6.48 -22.75
C ARG B 208 10.76 6.31 -22.48
N ILE B 209 9.87 6.46 -23.47
CA ILE B 209 8.44 6.34 -23.18
C ILE B 209 7.96 4.90 -23.37
N ALA B 210 8.07 4.39 -24.59
CA ALA B 210 7.70 3.00 -24.85
C ALA B 210 8.45 2.04 -23.92
N GLN B 211 9.59 2.47 -23.40
CA GLN B 211 10.29 1.69 -22.38
C GLN B 211 9.42 1.53 -21.13
N SER B 212 9.03 2.66 -20.51
CA SER B 212 8.16 2.62 -19.35
C SER B 212 6.89 1.82 -19.62
N ARG B 213 6.38 1.91 -20.83
CA ARG B 213 5.20 1.15 -21.21
C ARG B 213 5.49 -0.33 -21.23
N LEU B 214 6.73 -0.70 -21.52
CA LEU B 214 7.17 -2.09 -21.48
C LEU B 214 7.54 -2.57 -20.07
N LEU B 215 7.90 -1.65 -19.17
CA LEU B 215 8.13 -2.00 -17.79
C LEU B 215 6.82 -2.27 -17.06
N LEU B 216 5.77 -1.52 -17.42
CA LEU B 216 4.47 -1.75 -16.80
C LEU B 216 3.87 -3.07 -17.25
N GLU B 217 4.19 -3.49 -18.47
CA GLU B 217 3.79 -4.80 -18.95
C GLU B 217 4.59 -5.88 -18.24
N PHE B 218 5.90 -5.66 -18.12
CA PHE B 218 6.74 -6.57 -17.34
C PHE B 218 6.23 -6.75 -15.91
N VAL B 219 5.63 -5.70 -15.34
CA VAL B 219 5.05 -5.83 -14.00
C VAL B 219 3.77 -6.64 -14.06
N LYS B 220 2.97 -6.46 -15.11
CA LYS B 220 1.75 -7.25 -15.20
C LYS B 220 2.04 -8.71 -15.49
N ASP B 221 3.23 -9.04 -16.01
CA ASP B 221 3.63 -10.42 -16.27
C ASP B 221 4.20 -11.10 -15.03
N SER B 222 5.11 -10.43 -14.30
CA SER B 222 5.70 -11.07 -13.13
C SER B 222 4.72 -11.27 -11.99
N LEU B 223 3.63 -10.51 -11.97
CA LEU B 223 2.60 -10.62 -10.94
C LEU B 223 1.40 -11.45 -11.38
N GLU B 224 1.48 -12.12 -12.52
CA GLU B 224 0.34 -12.87 -13.06
C GLU B 224 -0.27 -13.78 -12.00
N HIS B 225 0.52 -14.67 -11.44
CA HIS B 225 0.03 -15.54 -10.38
C HIS B 225 0.55 -14.96 -9.07
N SER B 226 -0.32 -14.27 -8.34
CA SER B 226 0.00 -13.86 -6.99
C SER B 226 -1.29 -13.79 -6.21
N LYS B 227 -1.30 -14.40 -5.02
CA LYS B 227 -2.44 -14.28 -4.14
C LYS B 227 -2.35 -13.02 -3.30
N THR B 228 -1.12 -12.64 -2.97
CA THR B 228 -0.83 -11.57 -2.04
C THR B 228 -1.68 -10.32 -2.31
N PRO B 229 -2.30 -9.74 -1.29
CA PRO B 229 -3.20 -8.60 -1.50
C PRO B 229 -2.50 -7.35 -2.06
N TYR B 230 -1.17 -7.27 -1.94
CA TYR B 230 -0.44 -6.11 -2.47
C TYR B 230 -0.38 -6.14 -4.00
N ALA B 231 -0.05 -7.30 -4.57
CA ALA B 231 0.04 -7.45 -6.01
C ALA B 231 -1.28 -7.16 -6.71
N GLU B 232 -2.39 -7.14 -5.96
CA GLU B 232 -3.66 -6.67 -6.52
C GLU B 232 -3.61 -5.18 -6.83
N VAL B 233 -3.28 -4.37 -5.81
CA VAL B 233 -3.18 -2.93 -5.98
C VAL B 233 -2.14 -2.59 -7.04
N LEU B 234 -0.96 -3.21 -6.96
CA LEU B 234 0.06 -2.90 -7.95
C LEU B 234 -0.37 -3.32 -9.35
N LYS B 235 -0.99 -4.49 -9.48
CA LYS B 235 -1.46 -4.96 -10.78
C LYS B 235 -2.41 -3.95 -11.41
N THR B 236 -3.44 -3.52 -10.65
CA THR B 236 -4.45 -2.64 -11.20
C THR B 236 -3.91 -1.23 -11.44
N GLU B 237 -3.06 -0.73 -10.54
CA GLU B 237 -2.50 0.61 -10.71
C GLU B 237 -1.52 0.69 -11.88
N ALA B 238 -0.86 -0.43 -12.21
CA ALA B 238 -0.03 -0.45 -13.39
C ALA B 238 -0.86 -0.69 -14.64
N GLY B 239 -2.06 -1.24 -14.48
CA GLY B 239 -2.96 -1.36 -15.61
C GLY B 239 -3.56 -0.03 -15.97
N LEU B 240 -3.93 0.76 -14.95
CA LEU B 240 -4.49 2.09 -15.21
C LEU B 240 -3.39 3.09 -15.58
N LEU B 241 -2.14 2.87 -15.18
CA LEU B 241 -1.09 3.73 -15.70
C LEU B 241 -0.68 3.33 -17.11
N ALA B 242 -0.71 2.03 -17.42
CA ALA B 242 -0.41 1.58 -18.78
C ALA B 242 -1.50 1.99 -19.77
N LYS B 243 -2.75 2.10 -19.33
CA LYS B 243 -3.82 2.56 -20.21
C LYS B 243 -3.68 4.04 -20.59
N GLN B 244 -2.99 4.83 -19.78
CA GLN B 244 -2.84 6.26 -20.01
C GLN B 244 -1.96 6.51 -21.23
N THR B 245 -1.86 7.76 -21.69
CA THR B 245 -1.16 8.00 -22.95
C THR B 245 -0.13 9.12 -22.84
N ASP B 246 1.15 8.72 -22.83
CA ASP B 246 2.28 9.46 -23.38
C ASP B 246 2.53 10.85 -22.79
N HIS B 247 1.57 11.40 -22.05
CA HIS B 247 1.75 12.74 -21.51
C HIS B 247 2.39 12.65 -20.13
N TYR B 248 1.68 11.99 -19.21
CA TYR B 248 2.27 11.67 -17.92
C TYR B 248 3.48 10.76 -18.06
N LEU B 249 3.46 9.85 -19.05
CA LEU B 249 4.52 8.85 -19.12
C LEU B 249 5.85 9.39 -19.63
N ARG B 250 5.90 10.65 -20.07
CA ARG B 250 7.19 11.21 -20.46
C ARG B 250 8.07 11.29 -19.23
N HIS B 251 9.32 10.88 -19.35
CA HIS B 251 10.20 10.79 -18.18
C HIS B 251 10.48 12.16 -17.56
N ASP B 252 10.01 13.23 -18.20
CA ASP B 252 10.07 14.56 -17.60
C ASP B 252 9.02 14.73 -16.51
N HIS B 253 7.73 14.60 -16.87
CA HIS B 253 6.67 14.69 -15.87
C HIS B 253 6.88 13.70 -14.71
N LEU B 254 7.63 12.62 -14.93
CA LEU B 254 7.92 11.67 -13.86
C LEU B 254 8.96 12.18 -12.87
N GLU B 255 9.83 13.12 -13.30
CA GLU B 255 10.82 13.72 -12.44
C GLU B 255 10.25 14.78 -11.52
N GLU B 256 9.08 15.32 -11.86
CA GLU B 256 8.42 16.34 -11.04
C GLU B 256 8.13 15.82 -9.65
N GLU B 257 8.36 16.66 -8.63
CA GLU B 257 8.05 16.31 -7.26
C GLU B 257 6.72 16.92 -6.86
N ASN B 258 5.92 16.14 -6.14
CA ASN B 258 4.57 16.49 -5.74
C ASN B 258 4.57 17.06 -4.33
N ALA B 259 3.66 18.02 -4.10
CA ALA B 259 3.54 18.60 -2.77
C ALA B 259 3.22 17.55 -1.72
N GLN B 260 2.66 16.41 -2.14
CA GLN B 260 2.29 15.27 -1.31
C GLN B 260 1.67 15.72 -0.01
N PHE B 261 0.49 16.30 -0.10
CA PHE B 261 -0.17 16.86 1.05
C PHE B 261 -0.82 15.78 1.91
N TYR B 262 -1.01 16.12 3.16
CA TYR B 262 -1.96 15.48 4.04
C TYR B 262 -3.07 16.49 4.17
N PHE B 263 -4.32 16.04 4.25
CA PHE B 263 -5.42 16.99 4.21
C PHE B 263 -5.26 18.11 5.21
N HIS B 264 -4.77 17.81 6.41
CA HIS B 264 -4.65 18.80 7.47
C HIS B 264 -3.48 19.75 7.25
N GLU B 265 -2.46 19.32 6.50
CA GLU B 265 -1.37 20.22 6.16
C GLU B 265 -1.84 21.23 5.12
N PHE B 266 -2.72 20.78 4.24
CA PHE B 266 -3.32 21.65 3.26
C PHE B 266 -4.24 22.64 3.95
N MET B 267 -5.10 22.15 4.85
CA MET B 267 -5.98 23.04 5.58
C MET B 267 -5.21 23.98 6.51
N ASN B 268 -4.04 23.59 6.96
CA ASN B 268 -3.26 24.49 7.80
C ASN B 268 -2.72 25.64 6.97
N GLU B 269 -2.22 25.31 5.76
CA GLU B 269 -1.83 26.39 4.87
C GLU B 269 -3.02 27.19 4.38
N ALA B 270 -4.24 26.65 4.49
CA ALA B 270 -5.42 27.40 4.08
C ALA B 270 -5.88 28.36 5.16
N ARG B 271 -5.84 27.93 6.42
CA ARG B 271 -6.23 28.81 7.52
C ARG B 271 -5.16 29.87 7.79
N LYS B 272 -3.93 29.65 7.32
CA LYS B 272 -2.96 30.72 7.38
C LYS B 272 -3.42 31.91 6.56
N HIS B 273 -4.22 31.66 5.53
CA HIS B 273 -4.75 32.69 4.65
C HIS B 273 -6.21 33.07 4.94
N ASN B 274 -6.78 32.63 6.06
CA ASN B 274 -8.15 33.00 6.48
C ASN B 274 -9.19 32.41 5.54
N LEU B 275 -9.00 31.17 5.15
CA LEU B 275 -9.97 30.41 4.38
C LEU B 275 -10.48 29.28 5.25
N GLN B 276 -11.67 28.78 4.92
CA GLN B 276 -12.24 27.69 5.69
C GLN B 276 -12.81 26.63 4.75
N TYR B 277 -12.75 25.39 5.21
CA TYR B 277 -13.25 24.24 4.48
C TYR B 277 -14.76 24.29 4.35
N LEU B 278 -15.24 24.24 3.11
CA LEU B 278 -16.66 24.23 2.84
C LEU B 278 -17.15 22.78 2.79
N ALA B 279 -16.60 22.00 1.86
CA ALA B 279 -16.97 20.61 1.60
C ALA B 279 -16.09 20.05 0.51
N ASP B 280 -16.29 18.79 0.14
CA ASP B 280 -15.63 18.23 -1.02
C ASP B 280 -16.58 18.31 -2.19
N CYS B 281 -16.06 18.12 -3.40
CA CYS B 281 -16.97 18.20 -4.54
C CYS B 281 -17.64 16.88 -4.87
N ASN B 282 -17.19 15.79 -4.25
CA ASN B 282 -17.90 14.52 -4.30
C ASN B 282 -18.42 14.37 -2.88
N ILE B 283 -19.72 14.59 -2.73
CA ILE B 283 -20.28 14.63 -1.39
C ILE B 283 -20.21 13.24 -0.76
N SER B 284 -20.19 12.20 -1.58
CA SER B 284 -20.16 10.84 -1.07
C SER B 284 -18.86 10.53 -0.34
N THR B 285 -17.80 11.30 -0.63
CA THR B 285 -16.54 11.12 0.06
C THR B 285 -16.59 11.62 1.49
N MET B 286 -17.56 12.48 1.80
CA MET B 286 -17.82 12.95 3.15
C MET B 286 -18.84 12.07 3.85
N TYR B 287 -19.27 10.98 3.22
CA TYR B 287 -20.31 10.17 3.81
C TYR B 287 -19.74 9.31 4.93
N LEU B 288 -20.34 9.43 6.09
CA LEU B 288 -20.03 8.65 7.28
C LEU B 288 -21.15 7.64 7.46
N GLY B 289 -20.81 6.37 7.60
CA GLY B 289 -21.83 5.47 8.09
C GLY B 289 -22.96 4.83 7.27
N ASN B 290 -22.76 3.76 6.49
CA ASN B 290 -21.54 3.06 6.05
C ASN B 290 -20.30 2.98 6.96
N MET B 291 -20.54 2.80 8.26
CA MET B 291 -19.56 2.78 9.34
C MET B 291 -20.30 2.37 10.61
N PRO B 292 -19.70 1.54 11.45
CA PRO B 292 -20.35 1.13 12.72
C PRO B 292 -20.76 2.32 13.56
N PRO B 293 -21.93 2.23 14.23
CA PRO B 293 -22.54 3.41 14.87
C PRO B 293 -21.81 3.94 16.09
N LYS B 294 -20.94 3.17 16.74
CA LYS B 294 -20.20 3.72 17.87
C LYS B 294 -19.10 4.66 17.38
N VAL B 295 -18.54 4.36 16.20
CA VAL B 295 -17.55 5.21 15.57
C VAL B 295 -18.21 6.45 14.97
N VAL B 296 -19.38 6.29 14.36
CA VAL B 296 -20.13 7.45 13.88
C VAL B 296 -20.42 8.40 15.03
N GLU B 297 -20.82 7.85 16.18
CA GLU B 297 -21.03 8.67 17.36
C GLU B 297 -19.74 9.34 17.82
N GLN B 298 -18.62 8.61 17.84
CA GLN B 298 -17.34 9.19 18.24
C GLN B 298 -16.94 10.35 17.33
N LEU B 299 -16.86 10.08 16.03
CA LEU B 299 -16.54 11.12 15.05
C LEU B 299 -17.51 12.29 15.15
N LYS B 300 -18.81 11.98 15.28
CA LYS B 300 -19.81 13.01 15.44
C LYS B 300 -19.64 13.78 16.74
N ALA B 301 -18.96 13.19 17.72
CA ALA B 301 -18.67 13.88 18.97
C ALA B 301 -17.66 14.99 18.73
N VAL B 302 -16.48 14.61 18.19
CA VAL B 302 -15.49 15.61 17.82
C VAL B 302 -16.15 16.61 16.88
N ASN B 303 -15.97 17.90 17.17
CA ASN B 303 -16.63 18.95 16.43
C ASN B 303 -15.76 19.61 15.37
N ASP B 304 -14.56 19.11 15.13
CA ASP B 304 -13.76 19.56 13.99
C ASP B 304 -13.96 18.62 12.81
N ILE B 305 -14.33 19.19 11.67
CA ILE B 305 -14.54 18.40 10.46
C ILE B 305 -13.20 18.06 9.79
N VAL B 306 -12.15 18.83 10.07
CA VAL B 306 -10.87 18.64 9.40
C VAL B 306 -10.18 17.38 9.90
N ARG B 307 -10.12 17.18 11.22
CA ARG B 307 -9.48 15.96 11.69
C ARG B 307 -10.43 14.78 11.62
N THR B 308 -11.68 15.02 11.23
CA THR B 308 -12.57 13.92 10.91
C THR B 308 -12.28 13.42 9.51
N GLU B 309 -12.17 14.36 8.56
CA GLU B 309 -11.85 14.01 7.18
C GLU B 309 -10.45 13.45 7.10
N GLN B 310 -9.59 13.83 8.05
CA GLN B 310 -8.23 13.28 8.05
C GLN B 310 -8.26 11.80 8.40
N TYR B 311 -8.98 11.46 9.43
N TYR B 311 -9.01 11.16 9.25
CA TYR B 311 -9.10 10.10 9.86
CA TYR B 311 -8.89 9.75 9.39
C TYR B 311 -9.69 9.30 8.72
C TYR B 311 -9.64 9.15 8.25
N MET B 312 -10.78 9.76 8.17
CA MET B 312 -11.37 9.07 7.03
C MET B 312 -10.35 8.89 5.90
N ASP B 313 -9.45 9.85 5.72
CA ASP B 313 -8.42 9.69 4.71
C ASP B 313 -7.44 8.59 5.09
N PHE B 314 -7.14 8.48 6.39
CA PHE B 314 -6.16 7.49 6.85
C PHE B 314 -6.70 6.09 6.69
N ILE B 315 -7.97 5.86 7.07
CA ILE B 315 -8.54 4.53 7.01
C ILE B 315 -9.04 4.13 5.63
N THR B 316 -9.35 5.09 4.75
CA THR B 316 -9.80 4.79 3.38
C THR B 316 -8.71 4.93 2.32
N ASN B 317 -7.51 5.34 2.71
CA ASN B 317 -6.38 5.48 1.79
C ASN B 317 -6.71 6.45 0.65
N ARG B 318 -7.20 7.63 1.01
CA ARG B 318 -7.61 8.61 0.02
C ARG B 318 -6.42 9.09 -0.82
N ARG B 319 -6.57 9.07 -2.14
CA ARG B 319 -5.49 9.55 -2.97
C ARG B 319 -5.70 10.93 -3.60
N PHE B 320 -6.89 11.52 -3.47
CA PHE B 320 -7.20 12.73 -4.23
C PHE B 320 -8.29 13.49 -3.51
N ARG B 321 -8.23 14.81 -3.61
CA ARG B 321 -9.30 15.63 -3.04
C ARG B 321 -9.62 16.78 -3.97
N THR B 322 -10.91 17.06 -4.11
CA THR B 322 -11.40 18.26 -4.77
C THR B 322 -12.08 19.09 -3.70
N THR B 323 -11.42 20.16 -3.26
CA THR B 323 -11.83 20.87 -2.06
C THR B 323 -12.47 22.22 -2.40
N LEU B 324 -13.54 22.52 -1.68
CA LEU B 324 -14.24 23.78 -1.81
C LEU B 324 -13.90 24.62 -0.59
N LEU B 325 -13.35 25.81 -0.81
CA LEU B 325 -12.93 26.73 0.23
C LEU B 325 -13.77 27.99 0.13
N CYS B 326 -14.07 28.58 1.29
CA CYS B 326 -14.84 29.82 1.29
C CYS B 326 -14.27 30.74 2.36
N HIS B 327 -14.67 32.00 2.31
CA HIS B 327 -14.11 32.98 3.23
C HIS B 327 -14.40 32.61 4.68
N ASN B 328 -13.45 32.96 5.56
CA ASN B 328 -13.47 32.54 6.95
C ASN B 328 -14.63 33.14 7.75
N ASP B 329 -15.19 34.25 7.29
CA ASP B 329 -16.22 34.97 8.05
C ASP B 329 -17.62 34.42 7.83
N LEU B 330 -17.80 33.37 7.02
CA LEU B 330 -19.12 32.86 6.73
C LEU B 330 -19.52 31.80 7.74
N LYS B 331 -20.80 31.78 8.08
CA LYS B 331 -21.36 30.80 9.00
C LYS B 331 -22.06 29.76 8.14
N ILE B 332 -21.48 28.57 8.07
CA ILE B 332 -22.02 27.50 7.26
C ILE B 332 -22.75 26.52 8.17
N ASN B 333 -23.85 25.97 7.67
CA ASN B 333 -24.74 25.12 8.45
C ASN B 333 -24.58 23.68 7.99
N ARG B 334 -24.09 22.83 8.89
CA ARG B 334 -23.92 21.41 8.60
C ARG B 334 -25.09 20.57 9.07
N ASN B 335 -26.13 21.16 9.66
CA ASN B 335 -27.31 20.39 9.99
C ASN B 335 -28.18 20.35 8.74
N ILE B 336 -28.24 19.18 8.12
CA ILE B 336 -28.97 19.01 6.88
C ILE B 336 -30.02 17.93 7.08
N ASN B 337 -31.25 18.25 6.69
CA ASN B 337 -32.40 17.37 6.89
C ASN B 337 -33.09 17.09 5.55
N ASN B 338 -33.90 16.03 5.55
CA ASN B 338 -34.63 15.62 4.34
C ASN B 338 -35.35 16.79 3.67
N ASP B 339 -35.93 17.70 4.46
CA ASP B 339 -36.74 18.75 3.87
C ASP B 339 -35.92 19.72 3.05
N ASP B 340 -34.59 19.60 3.07
CA ASP B 340 -33.75 20.48 2.27
C ASP B 340 -33.76 20.08 0.81
N ILE B 341 -34.28 18.90 0.49
CA ILE B 341 -34.28 18.45 -0.90
C ILE B 341 -35.20 19.29 -1.75
N LYS B 342 -36.01 20.14 -1.12
CA LYS B 342 -36.87 21.01 -1.90
C LYS B 342 -36.15 22.21 -2.47
N LYS B 343 -34.97 22.57 -1.94
CA LYS B 343 -34.31 23.77 -2.46
C LYS B 343 -33.61 23.53 -3.80
N PHE B 344 -33.44 22.28 -4.21
CA PHE B 344 -32.64 21.98 -5.39
C PHE B 344 -33.48 21.34 -6.49
N ASN B 345 -32.83 21.13 -7.63
CA ASN B 345 -33.38 20.37 -8.72
C ASN B 345 -32.64 19.04 -8.72
N ILE B 346 -33.31 18.00 -9.18
CA ILE B 346 -32.86 16.64 -8.94
C ILE B 346 -32.57 15.99 -10.27
N ILE B 347 -31.52 15.17 -10.28
CA ILE B 347 -31.16 14.35 -11.43
C ILE B 347 -30.78 12.99 -10.87
N PHE B 348 -31.50 11.96 -11.29
CA PHE B 348 -31.25 10.59 -10.90
C PHE B 348 -31.25 9.79 -12.19
N ASN B 349 -30.08 9.33 -12.64
CA ASN B 349 -30.05 8.62 -13.92
C ASN B 349 -30.21 7.15 -13.62
N VAL B 350 -31.42 6.64 -13.88
CA VAL B 350 -31.74 5.23 -13.70
C VAL B 350 -32.39 4.74 -14.99
N ILE B 351 -31.99 3.56 -15.41
CA ILE B 351 -32.53 2.89 -16.59
C ILE B 351 -33.43 1.78 -16.09
N PRO B 352 -34.73 1.81 -16.40
CA PRO B 352 -35.64 0.78 -15.93
C PRO B 352 -35.21 -0.58 -16.45
N GLU B 353 -35.58 -1.63 -15.72
CA GLU B 353 -35.28 -2.96 -16.20
C GLU B 353 -36.37 -3.53 -17.11
N LYS B 354 -37.58 -2.96 -17.05
CA LYS B 354 -38.69 -3.33 -17.92
C LYS B 354 -39.39 -2.05 -18.33
N PRO B 355 -39.82 -1.93 -19.58
CA PRO B 355 -40.50 -0.70 -20.02
C PRO B 355 -41.77 -0.42 -19.20
N LEU B 356 -42.18 0.85 -19.19
CA LEU B 356 -43.34 1.27 -18.41
C LEU B 356 -44.61 0.55 -18.83
N LYS B 357 -44.98 0.64 -20.12
CA LYS B 357 -46.22 -0.01 -20.56
C LYS B 357 -46.22 -1.52 -20.31
N GLU B 358 -45.10 -2.10 -19.89
CA GLU B 358 -45.03 -3.53 -19.64
C GLU B 358 -45.30 -3.91 -18.19
N VAL B 359 -45.72 -2.97 -17.33
CA VAL B 359 -45.87 -3.24 -15.91
C VAL B 359 -47.05 -2.46 -15.34
N ASP B 360 -47.52 -2.92 -14.18
CA ASP B 360 -48.52 -2.24 -13.37
C ASP B 360 -47.83 -1.78 -12.09
N LEU B 361 -47.86 -0.47 -11.84
CA LEU B 361 -47.15 0.06 -10.69
C LEU B 361 -47.79 -0.37 -9.38
N ASN B 362 -49.11 -0.56 -9.36
CA ASN B 362 -49.77 -0.95 -8.12
C ASN B 362 -49.50 -2.38 -7.72
N ASN B 363 -48.79 -3.17 -8.53
CA ASN B 363 -48.52 -4.54 -8.14
C ASN B 363 -47.40 -4.47 -7.12
N ALA B 364 -47.76 -4.70 -5.87
CA ALA B 364 -46.83 -4.51 -4.77
C ALA B 364 -46.07 -5.78 -4.42
N THR B 365 -46.40 -6.90 -5.04
CA THR B 365 -45.60 -8.10 -4.88
C THR B 365 -44.46 -8.17 -5.88
N GLU B 366 -44.54 -7.40 -6.96
CA GLU B 366 -43.51 -7.39 -7.98
C GLU B 366 -42.36 -6.53 -7.50
N ASN B 367 -41.15 -7.08 -7.56
CA ASN B 367 -39.94 -6.38 -7.17
C ASN B 367 -39.27 -5.88 -8.44
N LEU B 368 -39.37 -4.58 -8.70
CA LEU B 368 -38.78 -4.01 -9.90
C LEU B 368 -37.43 -3.41 -9.55
N GLN B 369 -36.47 -3.55 -10.47
CA GLN B 369 -35.13 -3.06 -10.22
C GLN B 369 -34.70 -2.12 -11.33
N PHE B 370 -33.98 -1.07 -10.95
CA PHE B 370 -33.50 -0.05 -11.86
C PHE B 370 -31.98 -0.01 -11.78
N PHE B 371 -31.34 0.27 -12.91
CA PHE B 371 -29.90 0.28 -13.01
C PHE B 371 -29.38 1.71 -13.05
N LEU B 372 -28.32 1.98 -12.28
CA LEU B 372 -27.78 3.33 -12.18
C LEU B 372 -26.84 3.58 -13.35
N ASN B 373 -27.26 4.41 -14.32
CA ASN B 373 -26.47 4.79 -15.51
C ASN B 373 -25.74 3.59 -16.11
N GLY B 374 -26.45 2.69 -16.78
CA GLY B 374 -25.88 1.39 -17.06
C GLY B 374 -26.91 0.31 -17.34
N ASN B 375 -26.69 -0.96 -16.98
CA ASN B 375 -25.59 -1.46 -16.15
C ASN B 375 -25.73 -2.96 -15.96
N LYS B 376 -24.66 -3.59 -15.50
CA LYS B 376 -24.72 -4.83 -14.76
C LYS B 376 -24.49 -4.49 -13.29
N GLU B 377 -25.23 -5.14 -12.41
CA GLU B 377 -25.19 -4.89 -10.96
C GLU B 377 -25.51 -3.40 -10.78
N SER B 378 -24.87 -2.70 -9.84
CA SER B 378 -25.13 -1.30 -9.51
C SER B 378 -26.60 -0.96 -9.72
N ASN B 379 -27.46 -1.43 -8.82
CA ASN B 379 -28.90 -1.35 -9.05
C ASN B 379 -29.60 -1.14 -7.74
N LEU B 380 -30.87 -0.76 -7.85
CA LEU B 380 -31.72 -0.59 -6.68
C LEU B 380 -33.07 -1.19 -7.01
N SER B 381 -33.64 -1.93 -6.07
CA SER B 381 -34.92 -2.59 -6.28
C SER B 381 -35.96 -2.06 -5.31
N THR B 382 -37.15 -1.80 -5.81
CA THR B 382 -38.24 -1.34 -4.95
C THR B 382 -39.50 -2.10 -5.33
N THR B 383 -40.30 -2.39 -4.30
CA THR B 383 -41.61 -2.99 -4.43
C THR B 383 -42.75 -2.00 -4.24
N SER B 384 -42.45 -0.68 -3.89
CA SER B 384 -43.50 0.28 -3.58
C SER B 384 -43.99 0.97 -4.85
N PRO B 385 -45.30 1.21 -4.97
CA PRO B 385 -45.81 1.90 -6.16
C PRO B 385 -45.39 3.36 -6.26
N TYR B 386 -45.13 4.04 -5.14
CA TYR B 386 -44.76 5.44 -5.23
C TYR B 386 -43.29 5.60 -5.62
N MET B 387 -42.43 4.75 -5.07
CA MET B 387 -41.03 4.77 -5.49
C MET B 387 -40.89 4.28 -6.92
N LYS B 388 -41.74 3.35 -7.34
CA LYS B 388 -41.71 2.91 -8.72
C LYS B 388 -42.22 4.01 -9.65
N ALA B 389 -43.15 4.84 -9.17
CA ALA B 389 -43.60 5.92 -10.01
C ALA B 389 -42.58 7.05 -10.07
N ILE B 390 -41.76 7.21 -9.03
CA ILE B 390 -40.76 8.24 -9.06
C ILE B 390 -39.59 7.84 -9.96
N LEU B 391 -39.19 6.58 -9.93
CA LEU B 391 -38.05 6.19 -10.73
C LEU B 391 -38.38 6.13 -12.22
N TYR B 392 -39.63 5.89 -12.56
CA TYR B 392 -39.98 5.94 -13.98
C TYR B 392 -40.09 7.37 -14.46
N THR B 393 -40.23 8.32 -13.55
CA THR B 393 -40.17 9.72 -13.93
C THR B 393 -38.73 10.17 -14.09
N PHE B 394 -37.86 9.63 -13.26
CA PHE B 394 -36.46 9.94 -13.36
C PHE B 394 -35.83 9.26 -14.56
N SER B 395 -36.46 8.22 -15.10
CA SER B 395 -35.90 7.46 -16.21
C SER B 395 -36.26 8.02 -17.59
N GLU B 396 -37.25 8.90 -17.71
CA GLU B 396 -37.51 9.60 -18.96
C GLU B 396 -37.01 11.04 -18.95
N ASN B 397 -36.49 11.51 -17.82
CA ASN B 397 -35.91 12.83 -17.67
C ASN B 397 -34.38 12.83 -17.65
N LEU B 398 -33.75 11.73 -18.07
CA LEU B 398 -32.33 11.50 -17.81
C LEU B 398 -31.46 12.72 -18.12
N ASN B 399 -30.62 13.08 -17.14
CA ASN B 399 -29.69 14.21 -17.21
C ASN B 399 -30.43 15.51 -17.48
N ASN B 400 -31.65 15.62 -16.98
CA ASN B 400 -32.44 16.85 -17.07
C ASN B 400 -32.92 17.24 -15.68
N PRO B 401 -32.42 18.34 -15.11
CA PRO B 401 -32.85 18.74 -13.77
C PRO B 401 -34.37 18.81 -13.68
N LEU B 402 -34.89 18.38 -12.54
CA LEU B 402 -36.32 18.28 -12.33
C LEU B 402 -36.63 18.83 -10.95
N SER B 403 -37.58 19.77 -10.85
CA SER B 403 -37.90 20.33 -9.55
C SER B 403 -38.60 19.28 -8.69
N PHE B 404 -38.91 19.66 -7.46
CA PHE B 404 -39.57 18.72 -6.57
C PHE B 404 -41.03 18.55 -6.96
N LYS B 405 -41.65 19.60 -7.49
CA LYS B 405 -43.04 19.51 -7.94
C LYS B 405 -43.14 18.86 -9.31
N GLN B 406 -42.07 18.88 -10.09
CA GLN B 406 -42.11 18.20 -11.38
C GLN B 406 -41.94 16.70 -11.21
N VAL B 407 -41.00 16.28 -10.34
CA VAL B 407 -40.87 14.86 -10.07
C VAL B 407 -42.13 14.36 -9.39
N THR B 408 -42.64 15.16 -8.46
CA THR B 408 -43.76 14.74 -7.64
C THR B 408 -45.05 14.67 -8.45
N SER B 409 -45.33 15.70 -9.27
CA SER B 409 -46.56 15.72 -10.05
C SER B 409 -46.50 14.78 -11.25
N GLU B 410 -45.32 14.64 -11.87
CA GLU B 410 -45.23 13.75 -13.03
C GLU B 410 -45.26 12.29 -12.61
N ALA B 411 -44.77 11.99 -11.39
CA ALA B 411 -44.99 10.65 -10.85
C ALA B 411 -46.41 10.48 -10.36
N ASN B 412 -47.10 11.58 -10.09
CA ASN B 412 -48.46 11.51 -9.62
C ASN B 412 -49.45 11.23 -10.74
N THR B 413 -49.13 11.56 -12.00
CA THR B 413 -50.10 11.21 -13.03
C THR B 413 -49.96 9.78 -13.55
N LYS B 414 -48.91 9.07 -13.15
CA LYS B 414 -48.85 7.66 -13.48
C LYS B 414 -49.70 6.86 -12.51
N LEU B 415 -50.01 7.46 -11.36
CA LEU B 415 -50.84 6.90 -10.31
C LEU B 415 -52.27 7.42 -10.30
N ASN B 416 -52.69 8.09 -11.38
CA ASN B 416 -54.06 8.60 -11.57
C ASN B 416 -54.37 9.78 -10.67
N ASN B 417 -53.35 10.59 -10.39
CA ASN B 417 -53.46 11.87 -9.70
C ASN B 417 -54.06 11.75 -8.29
N THR B 418 -54.09 10.55 -7.70
CA THR B 418 -54.66 10.35 -6.37
C THR B 418 -53.65 10.23 -5.25
N LYS B 419 -52.42 9.86 -5.55
CA LYS B 419 -51.47 9.40 -4.53
C LYS B 419 -50.42 10.45 -4.16
N LEU B 420 -50.61 11.71 -4.57
CA LEU B 420 -49.56 12.72 -4.45
C LEU B 420 -48.85 12.73 -3.07
N ASN B 421 -49.61 12.70 -1.97
CA ASN B 421 -48.97 12.86 -0.67
C ASN B 421 -48.11 11.66 -0.30
N GLU B 422 -48.41 10.51 -0.88
CA GLU B 422 -47.59 9.32 -0.66
C GLU B 422 -46.32 9.38 -1.49
N ILE B 423 -46.40 10.00 -2.67
CA ILE B 423 -45.21 10.26 -3.48
C ILE B 423 -44.29 11.21 -2.74
N LYS B 424 -44.85 12.35 -2.31
CA LYS B 424 -44.08 13.34 -1.57
C LYS B 424 -43.43 12.72 -0.34
N ASN B 425 -44.16 11.87 0.38
CA ASN B 425 -43.61 11.30 1.60
C ASN B 425 -42.48 10.31 1.34
N GLU B 426 -42.42 9.65 0.18
CA GLU B 426 -41.29 8.77 -0.07
C GLU B 426 -40.10 9.56 -0.60
N LEU B 427 -40.34 10.56 -1.45
CA LEU B 427 -39.26 11.40 -1.93
C LEU B 427 -38.58 12.11 -0.76
N LEU B 428 -39.38 12.78 0.07
CA LEU B 428 -38.84 13.45 1.26
C LEU B 428 -37.95 12.53 2.07
N ASN B 429 -38.42 11.29 2.29
CA ASN B 429 -37.71 10.41 3.21
C ASN B 429 -36.44 9.84 2.58
N ASN B 430 -36.51 9.24 1.40
CA ASN B 430 -35.30 8.63 0.87
C ASN B 430 -34.35 9.62 0.20
N ALA B 431 -34.84 10.78 -0.23
CA ALA B 431 -34.10 11.68 -1.13
C ALA B 431 -32.73 12.11 -0.65
N MET B 432 -32.70 12.99 0.36
CA MET B 432 -31.42 13.51 0.87
C MET B 432 -30.50 12.36 1.24
N LYS B 433 -31.04 11.35 1.93
CA LYS B 433 -30.26 10.17 2.26
C LYS B 433 -29.56 9.62 1.03
N LEU B 434 -30.20 9.71 -0.14
CA LEU B 434 -29.55 9.22 -1.35
C LEU B 434 -28.68 10.27 -2.01
N VAL B 435 -28.81 11.53 -1.62
CA VAL B 435 -27.93 12.57 -2.15
C VAL B 435 -26.58 12.49 -1.47
N LEU B 436 -26.57 12.18 -0.17
CA LEU B 436 -25.32 12.09 0.56
C LEU B 436 -24.56 10.81 0.27
N GLN B 437 -25.16 9.86 -0.42
CA GLN B 437 -24.44 8.65 -0.83
C GLN B 437 -23.91 8.74 -2.26
N GLY B 438 -24.28 9.79 -2.99
CA GLY B 438 -23.81 10.03 -4.33
C GLY B 438 -24.81 9.65 -5.43
N TYR B 439 -25.77 8.78 -5.11
CA TYR B 439 -26.65 8.20 -6.12
C TYR B 439 -27.49 9.27 -6.83
N ILE B 440 -27.88 10.31 -6.11
CA ILE B 440 -28.68 11.39 -6.66
C ILE B 440 -27.82 12.64 -6.74
N SER B 441 -27.94 13.37 -7.82
CA SER B 441 -27.25 14.63 -7.99
C SER B 441 -28.25 15.75 -7.82
N ILE B 442 -27.84 16.81 -7.11
CA ILE B 442 -28.67 18.00 -6.94
C ILE B 442 -27.99 19.13 -7.70
N THR B 443 -28.79 20.11 -8.12
CA THR B 443 -28.22 21.23 -8.86
C THR B 443 -29.11 22.46 -8.73
N ASN B 444 -28.52 23.63 -8.96
CA ASN B 444 -29.22 24.89 -9.02
C ASN B 444 -29.58 25.24 -10.46
N GLN B 445 -29.19 24.39 -11.41
CA GLN B 445 -29.53 24.62 -12.80
C GLN B 445 -31.02 24.39 -13.01
N LYS B 446 -31.62 25.21 -13.85
CA LYS B 446 -33.05 25.12 -14.07
C LYS B 446 -33.36 23.96 -15.01
N HIS B 447 -34.60 23.49 -14.95
CA HIS B 447 -35.05 22.46 -15.88
C HIS B 447 -34.99 22.98 -17.31
N ARG B 448 -34.76 22.06 -18.25
CA ARG B 448 -34.68 22.41 -19.66
C ARG B 448 -35.92 21.91 -20.40
N SER B 449 -36.30 22.63 -21.45
CA SER B 449 -37.45 22.24 -22.22
C SER B 449 -37.11 21.00 -23.03
N LYS B 450 -37.98 20.00 -22.99
CA LYS B 450 -37.76 18.78 -23.74
C LYS B 450 -37.44 19.14 -25.19
N PRO B 451 -36.36 18.61 -25.76
CA PRO B 451 -35.96 18.99 -27.11
C PRO B 451 -36.94 18.48 -28.16
N VAL B 452 -36.89 19.12 -29.32
CA VAL B 452 -37.67 18.67 -30.46
C VAL B 452 -36.79 17.75 -31.28
N LEU B 453 -37.26 16.51 -31.49
CA LEU B 453 -36.51 15.50 -32.23
C LEU B 453 -36.94 15.42 -33.68
N ASP B 454 -37.86 16.29 -34.10
CA ASP B 454 -38.25 16.41 -35.50
C ASP B 454 -37.02 16.73 -36.33
N LYS B 455 -36.42 17.89 -36.07
CA LYS B 455 -35.18 18.36 -36.67
C LYS B 455 -34.27 18.61 -35.47
N PRO B 456 -33.46 17.64 -35.07
CA PRO B 456 -32.66 17.79 -33.85
C PRO B 456 -31.75 19.02 -33.95
N LYS B 457 -31.51 19.64 -32.78
CA LYS B 457 -30.69 20.84 -32.70
C LYS B 457 -29.80 20.74 -31.48
N THR B 458 -28.49 20.74 -31.69
CA THR B 458 -27.54 20.66 -30.59
C THR B 458 -27.02 22.08 -30.25
N THR B 459 -26.22 22.15 -29.18
CA THR B 459 -25.69 23.41 -28.67
C THR B 459 -24.54 23.95 -29.53
N GLN B 460 -24.23 25.24 -29.36
CA GLN B 460 -23.19 25.86 -30.20
C GLN B 460 -21.81 25.27 -29.94
N MET B 461 -21.53 24.90 -28.68
CA MET B 461 -20.21 24.39 -28.36
C MET B 461 -19.92 23.09 -29.08
N VAL B 462 -20.89 22.18 -29.12
CA VAL B 462 -20.68 20.88 -29.74
C VAL B 462 -20.81 20.92 -31.27
N ILE B 463 -21.49 21.90 -31.87
CA ILE B 463 -21.38 22.00 -33.32
C ILE B 463 -20.00 22.50 -33.68
N TYR B 464 -19.48 23.46 -32.89
CA TYR B 464 -18.14 23.94 -33.16
C TYR B 464 -17.09 22.86 -32.94
N GLN B 465 -17.31 21.96 -31.97
CA GLN B 465 -16.37 20.88 -31.74
C GLN B 465 -16.52 19.76 -32.76
N ALA B 466 -17.73 19.57 -33.29
CA ALA B 466 -17.95 18.53 -34.29
C ALA B 466 -17.38 18.92 -35.65
N LYS B 467 -17.64 20.15 -36.08
CA LYS B 467 -17.11 20.58 -37.37
C LYS B 467 -15.61 20.81 -37.25
N TYR B 468 -15.20 21.82 -36.49
CA TYR B 468 -13.79 22.21 -36.45
C TYR B 468 -13.19 21.67 -35.15
N THR B 469 -12.54 20.48 -35.20
CA THR B 469 -11.83 19.86 -34.07
C THR B 469 -11.42 18.43 -34.39
N PRO B 470 -10.20 18.03 -34.01
CA PRO B 470 -9.77 16.64 -34.17
C PRO B 470 -10.23 15.70 -33.07
N SER B 471 -10.76 16.20 -31.97
CA SER B 471 -11.02 15.36 -30.81
C SER B 471 -12.26 14.49 -31.01
N MET B 472 -12.25 13.35 -30.33
CA MET B 472 -13.30 12.33 -30.42
C MET B 472 -14.38 12.45 -29.34
N TRP B 473 -14.42 13.56 -28.62
CA TRP B 473 -15.39 13.77 -27.56
C TRP B 473 -15.91 15.19 -27.65
N VAL B 474 -17.11 15.43 -27.10
CA VAL B 474 -17.69 16.77 -27.06
C VAL B 474 -18.18 17.09 -25.65
N THR B 475 -18.42 18.38 -25.42
CA THR B 475 -18.87 18.89 -24.13
C THR B 475 -20.37 19.15 -24.16
N ASN B 476 -21.09 18.58 -23.22
CA ASN B 476 -22.54 18.74 -23.19
C ASN B 476 -22.94 19.92 -22.32
N LEU B 477 -24.24 20.06 -22.05
CA LEU B 477 -24.77 21.17 -21.26
C LEU B 477 -24.46 21.03 -19.78
N LYS B 478 -24.10 19.82 -19.34
CA LYS B 478 -23.72 19.54 -17.97
C LYS B 478 -22.22 19.73 -17.74
N HIS B 479 -21.48 20.15 -18.77
CA HIS B 479 -20.04 20.36 -18.72
C HIS B 479 -19.27 19.05 -18.55
N GLU B 480 -19.76 17.99 -19.18
CA GLU B 480 -19.03 16.74 -19.11
C GLU B 480 -18.55 16.37 -20.51
N PRO B 481 -17.35 15.81 -20.63
CA PRO B 481 -16.90 15.25 -21.90
C PRO B 481 -17.59 13.91 -22.13
N ILE B 482 -18.16 13.74 -23.32
CA ILE B 482 -18.82 12.49 -23.69
C ILE B 482 -18.23 12.04 -25.03
N GLY B 483 -18.00 10.73 -25.16
CA GLY B 483 -17.35 10.20 -26.35
C GLY B 483 -18.29 9.99 -27.52
N VAL B 484 -17.74 10.11 -28.73
CA VAL B 484 -18.46 9.86 -29.98
C VAL B 484 -17.53 9.08 -30.89
N ASN B 485 -18.11 8.35 -31.86
CA ASN B 485 -17.27 7.63 -32.83
C ASN B 485 -17.58 8.11 -34.26
N PHE B 486 -16.90 9.17 -34.67
CA PHE B 486 -16.81 9.64 -36.07
C PHE B 486 -18.14 9.70 -36.82
N PHE B 487 -19.11 8.86 -36.43
CA PHE B 487 -20.46 8.87 -36.99
C PHE B 487 -21.34 9.88 -36.29
N GLU B 488 -21.34 9.84 -34.95
CA GLU B 488 -22.08 10.83 -34.19
C GLU B 488 -21.48 12.21 -34.40
N LYS B 489 -20.14 12.30 -34.32
CA LYS B 489 -19.45 13.56 -34.58
C LYS B 489 -19.90 14.17 -35.91
N PHE B 490 -19.81 13.38 -36.99
CA PHE B 490 -20.24 13.86 -38.29
C PHE B 490 -21.72 14.23 -38.27
N ALA B 491 -22.53 13.48 -37.52
CA ALA B 491 -23.95 13.81 -37.40
C ALA B 491 -24.14 15.17 -36.75
N LEU B 492 -23.44 15.43 -35.64
CA LEU B 492 -23.54 16.71 -34.95
C LEU B 492 -23.07 17.84 -35.84
N ARG B 493 -22.24 17.54 -36.85
CA ARG B 493 -21.85 18.57 -37.80
C ARG B 493 -23.07 19.19 -38.45
N TYR B 494 -24.06 18.36 -38.81
CA TYR B 494 -25.26 18.79 -39.52
C TYR B 494 -26.48 18.97 -38.63
N MET B 495 -26.37 18.82 -37.31
CA MET B 495 -27.57 18.89 -36.48
C MET B 495 -27.75 20.32 -36.00
N ASP B 496 -28.64 21.03 -36.70
CA ASP B 496 -29.13 22.36 -36.38
C ASP B 496 -30.64 22.30 -36.56
N GLY B 497 -31.34 23.35 -36.14
CA GLY B 497 -32.79 23.29 -36.18
C GLY B 497 -33.35 23.28 -37.59
N ARG B 498 -32.48 23.12 -38.60
CA ARG B 498 -32.90 23.17 -39.99
C ARG B 498 -33.00 21.77 -40.60
N ASN B 499 -31.88 21.07 -40.74
CA ASN B 499 -31.91 19.75 -41.36
C ASN B 499 -32.63 18.75 -40.46
N ASP B 500 -33.50 17.95 -41.06
CA ASP B 500 -34.27 16.93 -40.38
C ASP B 500 -33.66 15.58 -40.71
N LYS B 501 -34.32 14.51 -40.27
CA LYS B 501 -33.85 13.14 -40.41
C LYS B 501 -33.29 12.84 -41.81
N LYS B 502 -34.16 12.88 -42.82
CA LYS B 502 -33.76 12.61 -44.20
C LYS B 502 -32.57 13.46 -44.64
N ALA B 503 -32.68 14.79 -44.50
CA ALA B 503 -31.61 15.69 -44.92
C ALA B 503 -30.30 15.37 -44.20
N ILE B 504 -30.36 15.21 -42.87
CA ILE B 504 -29.18 14.89 -42.08
C ILE B 504 -28.51 13.61 -42.60
N ILE B 505 -29.31 12.57 -42.87
CA ILE B 505 -28.72 11.31 -43.34
C ILE B 505 -28.11 11.47 -44.72
N GLU B 506 -28.78 12.19 -45.62
CA GLU B 506 -28.22 12.38 -46.96
C GLU B 506 -26.89 13.15 -46.89
N ALA B 507 -26.79 14.13 -45.98
CA ALA B 507 -25.53 14.84 -45.79
C ALA B 507 -24.44 13.90 -45.26
N ILE B 508 -24.76 13.10 -44.23
CA ILE B 508 -23.80 12.16 -43.67
C ILE B 508 -23.32 11.18 -44.74
N LEU B 509 -24.25 10.72 -45.57
CA LEU B 509 -23.93 9.91 -46.74
C LEU B 509 -22.94 10.64 -47.65
N GLY B 510 -23.21 11.92 -47.90
CA GLY B 510 -22.26 12.78 -48.61
C GLY B 510 -20.86 12.66 -48.05
N HIS B 511 -20.73 12.69 -46.73
CA HIS B 511 -19.43 12.38 -46.11
C HIS B 511 -18.95 10.96 -46.42
N VAL B 512 -19.83 9.94 -46.40
CA VAL B 512 -19.34 8.57 -46.61
C VAL B 512 -18.72 8.35 -47.99
N GLU B 513 -19.18 9.08 -49.02
CA GLU B 513 -18.58 8.88 -50.34
C GLU B 513 -17.13 9.34 -50.38
N LYS B 514 -16.87 10.61 -50.04
CA LYS B 514 -15.51 11.15 -49.94
C LYS B 514 -14.74 10.56 -48.78
N GLY B 515 -15.38 9.71 -47.98
CA GLY B 515 -14.91 9.33 -46.67
C GLY B 515 -13.47 8.89 -46.44
N GLU B 516 -12.79 9.31 -45.35
CA GLU B 516 -13.22 10.24 -44.27
C GLU B 516 -14.27 9.61 -43.35
N LEU B 517 -14.95 8.59 -43.87
CA LEU B 517 -16.02 7.87 -43.19
C LEU B 517 -15.91 6.38 -43.51
N THR B 518 -15.86 5.57 -42.47
CA THR B 518 -15.89 4.12 -42.59
C THR B 518 -17.27 3.62 -42.16
N LEU B 519 -17.48 2.31 -42.29
CA LEU B 519 -18.62 1.63 -41.69
C LEU B 519 -18.07 0.47 -40.87
N SER B 520 -18.34 0.46 -39.55
CA SER B 520 -17.60 -0.48 -38.72
C SER B 520 -18.34 -1.80 -38.55
N ARG B 521 -19.36 -1.81 -37.70
CA ARG B 521 -20.18 -2.96 -37.30
C ARG B 521 -19.32 -4.18 -36.95
N GLU B 522 -19.87 -5.38 -37.20
CA GLU B 522 -19.18 -6.68 -37.00
C GLU B 522 -18.70 -7.56 -38.19
N GLY B 523 -18.69 -7.12 -39.45
CA GLY B 523 -18.56 -5.73 -39.86
C GLY B 523 -17.09 -5.51 -40.20
N GLN B 524 -16.69 -4.24 -40.30
CA GLN B 524 -15.45 -3.72 -40.90
C GLN B 524 -15.61 -3.66 -42.42
N LYS B 525 -16.74 -4.11 -42.96
CA LYS B 525 -17.04 -4.05 -44.38
C LYS B 525 -18.22 -3.13 -44.62
N ILE B 526 -18.26 -2.56 -45.82
CA ILE B 526 -19.40 -1.78 -46.29
C ILE B 526 -19.61 -2.12 -47.76
N GLU B 527 -20.83 -2.52 -48.13
CA GLU B 527 -21.12 -2.69 -49.55
C GLU B 527 -21.91 -1.47 -50.00
N ASN B 528 -21.18 -0.39 -50.29
CA ASN B 528 -21.40 0.66 -51.28
C ASN B 528 -22.82 1.24 -51.31
N LYS B 529 -23.81 0.38 -51.04
CA LYS B 529 -25.23 0.66 -51.15
C LYS B 529 -25.97 -0.02 -50.00
N GLU B 530 -25.92 -1.35 -49.97
CA GLU B 530 -26.62 -2.16 -48.98
C GLU B 530 -26.11 -1.95 -47.55
N GLU B 531 -24.88 -1.51 -47.36
CA GLU B 531 -24.35 -1.21 -46.03
C GLU B 531 -24.45 0.27 -45.65
N ILE B 532 -25.05 1.11 -46.50
CA ILE B 532 -25.33 2.49 -46.15
C ILE B 532 -26.77 2.79 -46.52
N ARG B 533 -27.34 3.81 -45.86
CA ARG B 533 -28.72 4.24 -46.06
C ARG B 533 -29.72 3.15 -45.64
N LYS B 534 -29.30 1.88 -45.57
CA LYS B 534 -30.02 0.88 -44.81
C LYS B 534 -29.36 0.55 -43.48
N GLU B 535 -28.09 0.94 -43.32
CA GLU B 535 -27.40 0.84 -42.05
C GLU B 535 -27.41 2.13 -41.24
N LEU B 536 -27.74 3.26 -41.87
CA LEU B 536 -27.81 4.53 -41.16
C LEU B 536 -29.14 4.68 -40.44
N GLU B 537 -30.23 4.33 -41.14
CA GLU B 537 -31.57 4.37 -40.56
C GLU B 537 -31.68 3.48 -39.34
N SER B 538 -30.78 2.50 -39.21
CA SER B 538 -30.74 1.64 -38.03
C SER B 538 -30.08 2.34 -36.85
N LEU B 539 -28.89 2.87 -37.05
CA LEU B 539 -28.11 3.55 -36.01
C LEU B 539 -28.62 4.94 -35.67
N PHE B 540 -29.56 5.49 -36.44
CA PHE B 540 -29.98 6.88 -36.23
C PHE B 540 -30.86 7.03 -35.00
N THR B 541 -32.03 6.40 -35.00
CA THR B 541 -32.98 6.51 -33.90
C THR B 541 -32.31 6.34 -32.53
N PRO B 542 -31.58 5.24 -32.28
CA PRO B 542 -30.92 5.10 -30.96
C PRO B 542 -29.86 6.18 -30.68
N MET B 543 -29.23 6.73 -31.73
CA MET B 543 -28.26 7.78 -31.50
C MET B 543 -28.95 9.07 -31.08
N ILE B 544 -30.09 9.38 -31.69
CA ILE B 544 -30.88 10.51 -31.21
C ILE B 544 -31.32 10.25 -29.78
N GLU B 545 -31.54 8.99 -29.41
CA GLU B 545 -31.82 8.66 -28.02
C GLU B 545 -30.66 9.08 -27.13
N LYS B 546 -29.45 8.60 -27.46
CA LYS B 546 -28.26 8.92 -26.67
C LYS B 546 -28.07 10.43 -26.53
N PHE B 547 -28.28 11.17 -27.62
CA PHE B 547 -28.12 12.63 -27.57
C PHE B 547 -29.17 13.25 -26.65
N CYS B 548 -30.44 12.90 -26.86
CA CYS B 548 -31.51 13.48 -26.06
C CYS B 548 -31.31 13.20 -24.57
N SER B 549 -30.74 12.06 -24.22
CA SER B 549 -30.60 11.71 -22.81
C SER B 549 -29.25 12.06 -22.22
N ASN B 550 -28.29 12.52 -23.02
CA ASN B 550 -27.01 12.96 -22.50
C ASN B 550 -26.84 14.48 -22.48
N ALA B 551 -27.91 15.23 -22.69
CA ALA B 551 -27.90 16.69 -22.63
C ALA B 551 -27.07 17.30 -23.75
N LEU B 552 -27.10 16.67 -24.92
CA LEU B 552 -26.46 17.22 -26.11
C LEU B 552 -27.45 17.94 -27.03
N LEU B 553 -28.73 17.95 -26.70
CA LEU B 553 -29.76 18.61 -27.50
C LEU B 553 -30.42 19.70 -26.65
N VAL B 554 -30.55 20.88 -27.21
CA VAL B 554 -30.99 22.01 -26.39
C VAL B 554 -32.53 22.13 -26.30
#